data_6RSQ
#
_entry.id   6RSQ
#
_cell.length_a   82.510
_cell.length_b   91.410
_cell.length_c   106.870
_cell.angle_alpha   90.00
_cell.angle_beta   90.00
_cell.angle_gamma   90.00
#
_symmetry.space_group_name_H-M   'P 21 21 21'
#
loop_
_entity.id
_entity.type
_entity.pdbx_description
1 polymer 'Adenylyl cyclase-associated protein 1'
2 non-polymer GLYCEROL
3 water water
#
_entity_poly.entity_id   1
_entity_poly.type   'polypeptide(L)'
_entity_poly.pdbx_seq_one_letter_code
;MKHHHHHHHHHHSAGLEVLFQGPYVQAFDSLLANPVAEYLKMSKEIGGDVQKHAEMVHTGLKLERALLATASQCQQPAGN
KLSDLLAPISEQIQEVITFREKNRGSKFFNHLSAVSESIQALGWVALAAKPGPFVKEMNDAAMFYTNRVLKEYRDVDKKH
VDWVRAYLSIWTELQAYIKEFHTTGLAWSKTGPVAKEL
;
_entity_poly.pdbx_strand_id   A,B,C,D
#
# COMPACT_ATOMS: atom_id res chain seq x y z
N LEU A 19 -38.51 3.23 -11.42
CA LEU A 19 -37.95 3.96 -10.27
C LEU A 19 -39.01 4.40 -9.24
N PHE A 20 -40.17 4.97 -9.70
CA PHE A 20 -41.27 5.41 -8.82
C PHE A 20 -42.02 4.21 -8.24
N GLN A 21 -42.36 4.29 -6.93
CA GLN A 21 -43.05 3.22 -6.19
C GLN A 21 -44.54 3.13 -6.47
N GLY A 22 -45.05 1.89 -6.46
CA GLY A 22 -46.47 1.61 -6.68
C GLY A 22 -47.33 1.96 -5.47
N PRO A 23 -48.68 1.92 -5.62
CA PRO A 23 -49.58 2.27 -4.49
C PRO A 23 -49.35 1.53 -3.16
N TYR A 24 -49.20 0.19 -3.17
CA TYR A 24 -48.95 -0.63 -1.96
C TYR A 24 -47.72 -0.16 -1.16
N VAL A 25 -46.61 0.11 -1.86
CA VAL A 25 -45.35 0.49 -1.23
C VAL A 25 -45.35 1.99 -0.83
N GLN A 26 -45.97 2.88 -1.65
CA GLN A 26 -46.11 4.29 -1.32
C GLN A 26 -46.91 4.47 0.00
N ALA A 27 -47.99 3.66 0.19
CA ALA A 27 -48.83 3.72 1.40
C ALA A 27 -48.07 3.18 2.62
N PHE A 28 -47.15 2.24 2.39
CA PHE A 28 -46.28 1.64 3.39
C PHE A 28 -45.27 2.68 3.84
N ASP A 29 -44.66 3.40 2.87
CA ASP A 29 -43.66 4.43 3.12
C ASP A 29 -44.22 5.64 3.83
N SER A 30 -45.49 6.00 3.55
CA SER A 30 -46.17 7.10 4.22
C SER A 30 -46.24 6.88 5.72
N LEU A 31 -46.43 5.62 6.13
CA LEU A 31 -46.50 5.22 7.52
C LEU A 31 -45.16 4.85 8.16
N LEU A 32 -44.29 4.20 7.40
CA LEU A 32 -43.04 3.69 7.96
C LEU A 32 -41.75 4.47 7.64
N ALA A 33 -41.77 5.47 6.74
CA ALA A 33 -40.54 6.22 6.40
C ALA A 33 -39.86 6.93 7.60
N ASN A 34 -40.63 7.65 8.43
CA ASN A 34 -40.15 8.40 9.60
C ASN A 34 -39.74 7.47 10.76
N PRO A 35 -40.54 6.45 11.22
CA PRO A 35 -40.03 5.50 12.24
C PRO A 35 -38.71 4.79 11.85
N VAL A 36 -38.62 4.32 10.58
CA VAL A 36 -37.45 3.62 10.04
C VAL A 36 -36.22 4.53 10.05
N ALA A 37 -36.35 5.78 9.55
CA ALA A 37 -35.25 6.77 9.50
C ALA A 37 -34.67 7.10 10.88
N GLU A 38 -35.57 7.30 11.87
CA GLU A 38 -35.26 7.59 13.27
C GLU A 38 -34.50 6.41 13.85
N TYR A 39 -34.98 5.18 13.62
CA TYR A 39 -34.34 3.95 14.10
C TYR A 39 -32.90 3.79 13.56
N LEU A 40 -32.70 4.03 12.26
CA LEU A 40 -31.39 3.96 11.61
C LEU A 40 -30.41 5.02 12.12
N LYS A 41 -30.90 6.25 12.37
CA LYS A 41 -30.11 7.38 12.87
C LYS A 41 -29.69 7.16 14.31
N MET A 42 -30.61 6.65 15.17
CA MET A 42 -30.33 6.35 16.57
C MET A 42 -29.32 5.19 16.72
N SER A 43 -29.47 4.15 15.88
CA SER A 43 -28.60 2.98 15.85
C SER A 43 -27.18 3.34 15.48
N LYS A 44 -27.00 4.30 14.54
CA LYS A 44 -25.70 4.83 14.09
C LYS A 44 -25.04 5.61 15.24
N GLU A 45 -25.85 6.40 16.01
CA GLU A 45 -25.44 7.19 17.18
C GLU A 45 -24.89 6.27 18.29
N ILE A 46 -25.59 5.14 18.56
CA ILE A 46 -25.19 4.10 19.50
C ILE A 46 -23.94 3.35 18.98
N GLY A 47 -23.98 3.00 17.69
CA GLY A 47 -22.91 2.27 17.00
C GLY A 47 -22.81 0.81 17.41
N GLY A 48 -21.64 0.23 17.18
CA GLY A 48 -21.31 -1.14 17.52
C GLY A 48 -22.29 -2.14 16.93
N ASP A 49 -22.71 -3.10 17.76
CA ASP A 49 -23.66 -4.15 17.39
C ASP A 49 -25.06 -3.63 17.04
N VAL A 50 -25.47 -2.45 17.59
CA VAL A 50 -26.79 -1.84 17.35
C VAL A 50 -26.88 -1.33 15.91
N GLN A 51 -25.79 -0.68 15.43
CA GLN A 51 -25.63 -0.20 14.06
C GLN A 51 -25.64 -1.38 13.08
N LYS A 52 -24.86 -2.44 13.39
CA LYS A 52 -24.76 -3.67 12.59
C LYS A 52 -26.12 -4.35 12.39
N HIS A 53 -26.90 -4.45 13.46
CA HIS A 53 -28.23 -5.07 13.50
C HIS A 53 -29.27 -4.29 12.69
N ALA A 54 -29.27 -2.95 12.83
CA ALA A 54 -30.17 -2.02 12.14
C ALA A 54 -30.02 -2.10 10.62
N GLU A 55 -28.79 -2.32 10.12
CA GLU A 55 -28.52 -2.48 8.69
C GLU A 55 -29.21 -3.75 8.20
N MET A 56 -29.24 -4.80 9.03
CA MET A 56 -29.91 -6.06 8.71
C MET A 56 -31.43 -5.91 8.71
N VAL A 57 -31.96 -5.04 9.60
CA VAL A 57 -33.38 -4.73 9.76
C VAL A 57 -33.82 -3.89 8.57
N HIS A 58 -33.00 -2.91 8.15
CA HIS A 58 -33.25 -2.06 6.97
C HIS A 58 -33.34 -2.91 5.71
N THR A 59 -32.45 -3.88 5.56
CA THR A 59 -32.42 -4.87 4.46
C THR A 59 -33.71 -5.71 4.45
N GLY A 60 -34.13 -6.19 5.61
CA GLY A 60 -35.39 -6.90 5.76
C GLY A 60 -36.58 -6.05 5.34
N LEU A 61 -36.59 -4.74 5.73
CA LEU A 61 -37.67 -3.80 5.40
C LEU A 61 -37.78 -3.53 3.87
N LYS A 62 -36.63 -3.52 3.17
CA LYS A 62 -36.48 -3.38 1.71
C LYS A 62 -37.07 -4.60 0.96
N LEU A 63 -36.82 -5.84 1.48
CA LEU A 63 -37.37 -7.09 0.98
C LEU A 63 -38.89 -7.17 1.26
N GLU A 64 -39.36 -6.51 2.34
CA GLU A 64 -40.78 -6.43 2.70
C GLU A 64 -41.51 -5.65 1.62
N ARG A 65 -40.96 -4.46 1.27
CA ARG A 65 -41.47 -3.57 0.22
C ARG A 65 -41.49 -4.28 -1.11
N ALA A 66 -40.41 -5.04 -1.43
CA ALA A 66 -40.28 -5.81 -2.66
C ALA A 66 -41.41 -6.85 -2.76
N LEU A 67 -41.74 -7.51 -1.63
CA LEU A 67 -42.83 -8.48 -1.56
C LEU A 67 -44.20 -7.80 -1.66
N LEU A 68 -44.34 -6.58 -1.11
CA LEU A 68 -45.57 -5.81 -1.24
C LEU A 68 -45.79 -5.38 -2.68
N ALA A 69 -44.69 -5.08 -3.44
CA ALA A 69 -44.74 -4.74 -4.88
C ALA A 69 -45.13 -5.98 -5.69
N THR A 70 -44.59 -7.18 -5.31
CA THR A 70 -44.95 -8.46 -5.92
C THR A 70 -46.46 -8.71 -5.74
N ALA A 71 -46.98 -8.56 -4.50
CA ALA A 71 -48.39 -8.78 -4.13
C ALA A 71 -49.37 -7.88 -4.86
N SER A 72 -48.94 -6.66 -5.21
CA SER A 72 -49.79 -5.70 -5.92
C SER A 72 -50.01 -6.10 -7.36
N GLN A 73 -49.00 -6.72 -8.02
CA GLN A 73 -49.06 -7.12 -9.44
C GLN A 73 -49.25 -8.62 -9.68
N CYS A 74 -49.18 -9.43 -8.62
CA CYS A 74 -49.31 -10.86 -8.79
C CYS A 74 -50.47 -11.50 -8.11
N GLN A 75 -51.01 -12.49 -8.81
CA GLN A 75 -52.07 -13.39 -8.41
C GLN A 75 -51.45 -14.28 -7.30
N GLN A 76 -52.15 -14.43 -6.16
CA GLN A 76 -51.66 -15.20 -5.01
C GLN A 76 -51.27 -16.65 -5.35
N PRO A 77 -50.01 -17.07 -5.07
CA PRO A 77 -49.62 -18.46 -5.36
C PRO A 77 -50.00 -19.45 -4.24
N ALA A 78 -50.04 -20.74 -4.58
CA ALA A 78 -50.38 -21.80 -3.64
C ALA A 78 -49.16 -22.60 -3.18
N GLY A 79 -49.13 -22.90 -1.87
CA GLY A 79 -48.12 -23.69 -1.18
C GLY A 79 -46.67 -23.39 -1.47
N ASN A 80 -45.98 -24.33 -2.15
CA ASN A 80 -44.57 -24.26 -2.56
C ASN A 80 -44.27 -23.06 -3.46
N LYS A 81 -45.22 -22.71 -4.37
CA LYS A 81 -45.09 -21.55 -5.28
C LYS A 81 -45.05 -20.24 -4.44
N LEU A 82 -45.82 -20.21 -3.33
CA LEU A 82 -45.87 -19.09 -2.41
C LEU A 82 -44.61 -19.02 -1.54
N SER A 83 -44.11 -20.18 -1.08
CA SER A 83 -42.90 -20.23 -0.26
C SER A 83 -41.65 -19.80 -1.05
N ASP A 84 -41.63 -20.05 -2.38
CA ASP A 84 -40.56 -19.63 -3.28
C ASP A 84 -40.46 -18.10 -3.29
N LEU A 85 -41.62 -17.40 -3.25
CA LEU A 85 -41.70 -15.93 -3.19
C LEU A 85 -41.19 -15.39 -1.85
N LEU A 86 -41.55 -16.08 -0.74
CA LEU A 86 -41.22 -15.70 0.63
C LEU A 86 -39.82 -16.12 1.07
N ALA A 87 -39.16 -17.03 0.33
CA ALA A 87 -37.81 -17.51 0.66
C ALA A 87 -36.77 -16.37 0.81
N PRO A 88 -36.67 -15.33 -0.09
CA PRO A 88 -35.71 -14.21 0.19
C PRO A 88 -35.89 -13.48 1.55
N ILE A 89 -37.11 -13.03 1.89
CA ILE A 89 -37.38 -12.38 3.19
C ILE A 89 -37.14 -13.32 4.41
N SER A 90 -37.53 -14.62 4.33
CA SER A 90 -37.35 -15.58 5.43
C SER A 90 -35.86 -15.77 5.78
N GLU A 91 -34.99 -15.64 4.79
CA GLU A 91 -33.54 -15.74 4.96
C GLU A 91 -33.01 -14.54 5.72
N GLN A 92 -33.50 -13.35 5.39
CA GLN A 92 -33.11 -12.09 6.03
C GLN A 92 -33.58 -11.99 7.48
N ILE A 93 -34.83 -12.42 7.75
CA ILE A 93 -35.41 -12.44 9.09
C ILE A 93 -34.51 -13.32 10.00
N GLN A 94 -34.11 -14.51 9.49
CA GLN A 94 -33.26 -15.46 10.19
C GLN A 94 -31.84 -14.90 10.40
N GLU A 95 -31.33 -14.12 9.45
CA GLU A 95 -30.00 -13.50 9.55
C GLU A 95 -29.99 -12.50 10.71
N VAL A 96 -31.11 -11.73 10.87
CA VAL A 96 -31.32 -10.78 11.97
C VAL A 96 -31.31 -11.57 13.33
N ILE A 97 -32.01 -12.72 13.36
CA ILE A 97 -32.15 -13.61 14.52
C ILE A 97 -30.79 -14.28 14.91
N THR A 98 -30.02 -14.79 13.92
CA THR A 98 -28.75 -15.46 14.23
C THR A 98 -27.68 -14.47 14.71
N PHE A 99 -27.78 -13.17 14.35
CA PHE A 99 -26.85 -12.12 14.81
C PHE A 99 -26.84 -12.00 16.33
N ARG A 100 -28.04 -11.93 16.96
CA ARG A 100 -28.23 -11.89 18.42
C ARG A 100 -27.71 -13.19 19.11
N GLU A 101 -28.02 -14.37 18.54
CA GLU A 101 -27.63 -15.69 19.05
C GLU A 101 -26.12 -15.91 19.04
N LYS A 102 -25.42 -15.19 18.16
CA LYS A 102 -23.98 -15.27 17.99
C LYS A 102 -23.26 -14.09 18.70
N ASN A 103 -24.02 -13.17 19.31
CA ASN A 103 -23.43 -12.00 19.98
C ASN A 103 -23.96 -11.85 21.41
N ARG A 104 -24.01 -12.97 22.13
CA ARG A 104 -24.50 -13.04 23.51
C ARG A 104 -23.57 -12.32 24.51
N GLY A 105 -22.32 -12.11 24.13
CA GLY A 105 -21.33 -11.39 24.94
C GLY A 105 -21.34 -9.89 24.71
N SER A 106 -22.31 -9.39 23.90
CA SER A 106 -22.47 -7.98 23.55
C SER A 106 -22.87 -7.09 24.71
N LYS A 107 -22.33 -5.86 24.70
CA LYS A 107 -22.66 -4.80 25.65
C LYS A 107 -24.11 -4.28 25.38
N PHE A 108 -24.66 -4.61 24.21
CA PHE A 108 -25.99 -4.22 23.81
C PHE A 108 -26.92 -5.42 23.63
N PHE A 109 -26.76 -6.48 24.44
CA PHE A 109 -27.55 -7.71 24.35
C PHE A 109 -29.07 -7.52 24.38
N ASN A 110 -29.58 -6.57 25.18
CA ASN A 110 -31.03 -6.31 25.25
C ASN A 110 -31.56 -5.59 24.02
N HIS A 111 -30.72 -4.75 23.39
CA HIS A 111 -31.03 -4.03 22.15
C HIS A 111 -31.18 -5.08 21.07
N LEU A 112 -30.23 -6.03 21.07
CA LEU A 112 -30.10 -7.17 20.15
C LEU A 112 -31.31 -8.09 20.28
N SER A 113 -31.69 -8.44 21.53
CA SER A 113 -32.84 -9.26 21.92
C SER A 113 -34.16 -8.59 21.48
N ALA A 114 -34.30 -7.27 21.72
CA ALA A 114 -35.47 -6.45 21.33
C ALA A 114 -35.77 -6.64 19.85
N VAL A 115 -34.73 -6.60 19.00
CA VAL A 115 -34.87 -6.76 17.55
C VAL A 115 -35.15 -8.22 17.13
N SER A 116 -34.30 -9.16 17.52
CA SER A 116 -34.44 -10.57 17.14
C SER A 116 -35.76 -11.23 17.59
N GLU A 117 -36.33 -10.78 18.73
CA GLU A 117 -37.60 -11.33 19.25
C GLU A 117 -38.86 -10.66 18.64
N SER A 118 -38.67 -9.64 17.80
CA SER A 118 -39.76 -8.92 17.18
C SER A 118 -39.69 -8.89 15.64
N ILE A 119 -38.50 -9.15 15.02
CA ILE A 119 -38.25 -9.03 13.58
C ILE A 119 -39.19 -9.92 12.73
N GLN A 120 -39.68 -11.04 13.31
CA GLN A 120 -40.64 -11.94 12.65
C GLN A 120 -41.97 -11.25 12.28
N ALA A 121 -42.19 -10.00 12.74
CA ALA A 121 -43.33 -9.16 12.40
C ALA A 121 -43.36 -8.92 10.88
N LEU A 122 -42.18 -8.96 10.20
CA LEU A 122 -42.01 -8.85 8.74
C LEU A 122 -42.62 -10.09 8.04
N GLY A 123 -42.77 -11.18 8.80
CA GLY A 123 -43.40 -12.41 8.32
C GLY A 123 -44.91 -12.35 8.22
N TRP A 124 -45.56 -11.21 8.58
CA TRP A 124 -47.03 -11.05 8.55
C TRP A 124 -47.58 -11.33 7.15
N VAL A 125 -46.77 -11.02 6.12
CA VAL A 125 -47.05 -11.19 4.69
C VAL A 125 -47.37 -12.66 4.30
N ALA A 126 -47.05 -13.63 5.18
CA ALA A 126 -47.28 -15.06 4.99
C ALA A 126 -48.63 -15.56 5.54
N LEU A 127 -49.24 -14.84 6.52
CA LEU A 127 -50.51 -15.23 7.17
C LEU A 127 -51.76 -15.09 6.30
N ALA A 128 -52.69 -16.06 6.43
CA ALA A 128 -53.97 -16.12 5.70
C ALA A 128 -55.08 -15.36 6.46
N ALA A 129 -54.85 -15.08 7.76
CA ALA A 129 -55.79 -14.38 8.63
C ALA A 129 -55.05 -13.70 9.77
N LYS A 130 -55.70 -12.70 10.40
CA LYS A 130 -55.24 -11.96 11.59
C LYS A 130 -53.75 -11.47 11.57
N PRO A 131 -53.33 -10.60 10.62
CA PRO A 131 -51.92 -10.14 10.63
C PRO A 131 -51.54 -9.14 11.73
N GLY A 132 -52.48 -8.26 12.08
CA GLY A 132 -52.33 -7.23 13.12
C GLY A 132 -52.03 -7.79 14.50
N PRO A 133 -52.86 -8.74 15.06
CA PRO A 133 -52.55 -9.33 16.38
C PRO A 133 -51.19 -10.03 16.40
N PHE A 134 -50.79 -10.64 15.25
CA PHE A 134 -49.49 -11.27 15.10
C PHE A 134 -48.35 -10.25 15.29
N VAL A 135 -48.37 -9.10 14.54
CA VAL A 135 -47.39 -7.99 14.63
C VAL A 135 -47.44 -7.36 16.03
N LYS A 136 -48.65 -7.24 16.65
CA LYS A 136 -48.85 -6.74 18.01
C LYS A 136 -48.06 -7.60 19.03
N GLU A 137 -48.12 -8.92 18.87
CA GLU A 137 -47.42 -9.87 19.74
C GLU A 137 -45.91 -9.77 19.60
N MET A 138 -45.44 -9.41 18.38
CA MET A 138 -44.02 -9.22 18.12
C MET A 138 -43.59 -7.94 18.81
N ASN A 139 -44.44 -6.87 18.73
CA ASN A 139 -44.24 -5.57 19.38
C ASN A 139 -44.23 -5.70 20.91
N ASP A 140 -45.01 -6.65 21.46
CA ASP A 140 -45.03 -6.94 22.90
C ASP A 140 -43.65 -7.48 23.30
N ALA A 141 -43.06 -8.37 22.46
CA ALA A 141 -41.72 -8.94 22.74
C ALA A 141 -40.63 -7.89 22.64
N ALA A 142 -40.69 -7.00 21.62
CA ALA A 142 -39.75 -5.88 21.48
C ALA A 142 -39.79 -5.04 22.75
N MET A 143 -41.01 -4.66 23.18
CA MET A 143 -41.30 -3.87 24.38
C MET A 143 -40.73 -4.45 25.69
N PHE A 144 -40.74 -5.79 25.86
CA PHE A 144 -40.22 -6.44 27.05
C PHE A 144 -38.73 -6.17 27.19
N TYR A 145 -37.99 -6.32 26.08
CA TYR A 145 -36.56 -6.12 26.06
C TYR A 145 -36.19 -4.64 25.99
N THR A 146 -37.00 -3.78 25.32
CA THR A 146 -36.69 -2.33 25.25
C THR A 146 -36.82 -1.72 26.64
N ASN A 147 -37.72 -2.27 27.48
CA ASN A 147 -37.92 -1.89 28.86
C ASN A 147 -36.67 -2.15 29.70
N ARG A 148 -35.87 -3.17 29.30
CA ARG A 148 -34.58 -3.50 29.95
C ARG A 148 -33.52 -2.51 29.50
N VAL A 149 -33.57 -2.06 28.22
CA VAL A 149 -32.67 -1.05 27.66
C VAL A 149 -32.95 0.26 28.42
N LEU A 150 -34.24 0.58 28.65
CA LEU A 150 -34.65 1.80 29.37
C LEU A 150 -34.21 1.77 30.83
N LYS A 151 -34.44 0.65 31.53
CA LYS A 151 -34.01 0.47 32.92
C LYS A 151 -32.52 0.84 33.05
N GLU A 152 -31.69 0.23 32.17
CA GLU A 152 -30.24 0.35 32.09
C GLU A 152 -29.69 1.71 31.61
N TYR A 153 -30.17 2.23 30.47
CA TYR A 153 -29.58 3.40 29.83
C TYR A 153 -30.31 4.75 30.01
N ARG A 154 -31.50 4.77 30.63
CA ARG A 154 -32.11 6.06 30.96
C ARG A 154 -31.32 6.51 32.21
N ASP A 155 -30.99 7.81 32.31
CA ASP A 155 -30.13 8.40 33.36
C ASP A 155 -28.62 8.12 33.07
N VAL A 156 -28.32 7.51 31.89
CA VAL A 156 -26.97 7.17 31.38
C VAL A 156 -26.76 7.91 30.02
N ASP A 157 -27.67 7.68 29.05
CA ASP A 157 -27.62 8.27 27.71
C ASP A 157 -29.01 8.24 27.10
N LYS A 158 -29.58 9.42 26.84
CA LYS A 158 -30.92 9.58 26.27
C LYS A 158 -31.03 9.14 24.80
N LYS A 159 -29.90 8.87 24.12
CA LYS A 159 -29.95 8.34 22.75
C LYS A 159 -30.59 6.92 22.72
N HIS A 160 -30.39 6.13 23.79
CA HIS A 160 -31.00 4.81 23.94
C HIS A 160 -32.51 4.96 24.16
N VAL A 161 -32.98 6.06 24.80
CA VAL A 161 -34.41 6.33 25.03
C VAL A 161 -35.06 6.64 23.69
N ASP A 162 -34.43 7.51 22.87
CA ASP A 162 -34.91 7.84 21.52
C ASP A 162 -34.91 6.64 20.58
N TRP A 163 -33.90 5.73 20.71
CA TRP A 163 -33.77 4.47 19.94
C TRP A 163 -34.96 3.52 20.18
N VAL A 164 -35.32 3.30 21.45
CA VAL A 164 -36.46 2.49 21.90
C VAL A 164 -37.78 3.04 21.27
N ARG A 165 -38.02 4.35 21.42
CA ARG A 165 -39.19 5.05 20.89
C ARG A 165 -39.30 4.85 19.37
N ALA A 166 -38.17 4.99 18.66
CA ALA A 166 -38.03 4.83 17.21
C ALA A 166 -38.33 3.38 16.80
N TYR A 167 -37.68 2.40 17.45
CA TYR A 167 -37.87 0.99 17.11
C TYR A 167 -39.29 0.50 17.33
N LEU A 168 -39.89 0.78 18.48
CA LEU A 168 -41.26 0.35 18.77
C LEU A 168 -42.29 0.97 17.82
N SER A 169 -42.05 2.21 17.35
CA SER A 169 -42.97 2.91 16.44
C SER A 169 -43.01 2.30 15.03
N ILE A 170 -41.97 1.51 14.63
CA ILE A 170 -41.92 0.80 13.34
C ILE A 170 -43.09 -0.21 13.30
N TRP A 171 -43.23 -1.01 14.37
CA TRP A 171 -44.29 -2.00 14.50
C TRP A 171 -45.66 -1.39 14.88
N THR A 172 -45.68 -0.16 15.44
CA THR A 172 -46.91 0.56 15.74
C THR A 172 -47.50 1.06 14.39
N GLU A 173 -46.62 1.60 13.52
CA GLU A 173 -47.00 2.08 12.20
C GLU A 173 -47.26 0.93 11.23
N LEU A 174 -46.62 -0.24 11.43
CA LEU A 174 -46.88 -1.43 10.61
C LEU A 174 -48.30 -1.90 10.83
N GLN A 175 -48.75 -1.91 12.10
CA GLN A 175 -50.10 -2.29 12.54
C GLN A 175 -51.17 -1.34 11.96
N ALA A 176 -50.85 -0.03 11.84
CA ALA A 176 -51.73 0.95 11.23
C ALA A 176 -51.81 0.70 9.70
N TYR A 177 -50.70 0.22 9.08
CA TYR A 177 -50.68 -0.12 7.65
C TYR A 177 -51.56 -1.35 7.39
N ILE A 178 -51.40 -2.37 8.24
CA ILE A 178 -52.17 -3.61 8.19
C ILE A 178 -53.65 -3.33 8.43
N LYS A 179 -54.01 -2.58 9.49
CA LYS A 179 -55.39 -2.22 9.81
C LYS A 179 -56.05 -1.45 8.66
N GLU A 180 -55.35 -0.47 8.07
CA GLU A 180 -55.90 0.32 6.97
C GLU A 180 -56.06 -0.43 5.64
N PHE A 181 -55.07 -1.27 5.22
CA PHE A 181 -55.11 -1.93 3.90
C PHE A 181 -55.19 -3.47 3.84
N HIS A 182 -54.58 -4.19 4.79
CA HIS A 182 -54.49 -5.67 4.73
C HIS A 182 -54.97 -6.37 6.01
N THR A 183 -56.04 -5.81 6.59
CA THR A 183 -56.65 -6.16 7.86
C THR A 183 -57.03 -7.68 7.98
N THR A 184 -57.48 -8.35 6.88
CA THR A 184 -57.83 -9.79 6.92
C THR A 184 -56.72 -10.72 6.34
N GLY A 185 -55.63 -10.12 5.92
CA GLY A 185 -54.47 -10.80 5.34
C GLY A 185 -53.91 -9.95 4.23
N LEU A 186 -52.68 -10.24 3.77
CA LEU A 186 -52.09 -9.48 2.67
C LEU A 186 -52.97 -9.63 1.43
N ALA A 187 -53.34 -8.50 0.82
CA ALA A 187 -54.20 -8.47 -0.36
C ALA A 187 -53.38 -8.67 -1.61
N TRP A 188 -53.62 -9.78 -2.32
CA TRP A 188 -52.91 -10.09 -3.56
C TRP A 188 -53.78 -9.62 -4.73
N SER A 189 -53.17 -9.41 -5.91
CA SER A 189 -53.90 -8.98 -7.11
C SER A 189 -54.92 -10.03 -7.53
N LYS A 190 -56.11 -9.58 -7.98
CA LYS A 190 -57.19 -10.46 -8.43
C LYS A 190 -57.10 -10.75 -9.96
N THR A 191 -56.23 -9.99 -10.69
CA THR A 191 -55.98 -10.10 -12.13
C THR A 191 -54.51 -9.73 -12.40
N ALA B 14 25.37 -14.87 3.03
CA ALA B 14 26.44 -14.19 3.78
C ALA B 14 27.27 -13.25 2.92
N GLY B 15 27.47 -13.63 1.65
CA GLY B 15 28.19 -12.87 0.65
C GLY B 15 29.66 -12.60 0.95
N LEU B 16 30.13 -11.41 0.54
CA LEU B 16 31.51 -10.95 0.69
C LEU B 16 31.88 -10.57 2.13
N GLU B 17 32.75 -11.39 2.75
CA GLU B 17 33.28 -11.17 4.09
C GLU B 17 34.22 -9.94 4.10
N VAL B 18 34.34 -9.25 5.27
CA VAL B 18 35.21 -8.06 5.40
C VAL B 18 36.67 -8.53 5.40
N LEU B 19 37.44 -8.02 4.42
CA LEU B 19 38.83 -8.40 4.14
C LEU B 19 39.83 -7.36 4.61
N PHE B 20 41.08 -7.83 4.86
CA PHE B 20 42.21 -6.99 5.25
C PHE B 20 42.69 -6.19 4.05
N GLN B 21 43.18 -4.97 4.30
CA GLN B 21 43.72 -4.08 3.27
C GLN B 21 45.14 -4.53 2.88
N GLY B 22 45.47 -4.36 1.61
CA GLY B 22 46.80 -4.66 1.08
C GLY B 22 47.84 -3.65 1.56
N PRO B 23 49.14 -3.90 1.31
CA PRO B 23 50.20 -2.98 1.81
C PRO B 23 50.04 -1.48 1.48
N TYR B 24 49.61 -1.12 0.25
CA TYR B 24 49.41 0.29 -0.16
C TYR B 24 48.42 1.02 0.76
N VAL B 25 47.23 0.43 0.99
CA VAL B 25 46.18 1.02 1.82
C VAL B 25 46.57 0.91 3.31
N GLN B 26 47.17 -0.22 3.76
CA GLN B 26 47.65 -0.36 5.14
C GLN B 26 48.54 0.87 5.53
N ALA B 27 49.56 1.18 4.69
CA ALA B 27 50.46 2.32 4.89
C ALA B 27 49.73 3.67 4.86
N PHE B 28 48.65 3.77 4.05
CA PHE B 28 47.84 4.97 3.92
C PHE B 28 47.04 5.21 5.19
N ASP B 29 46.38 4.16 5.69
CA ASP B 29 45.55 4.16 6.88
C ASP B 29 46.33 4.48 8.14
N SER B 30 47.59 4.05 8.23
CA SER B 30 48.39 4.29 9.43
C SER B 30 48.71 5.77 9.62
N LEU B 31 48.88 6.52 8.52
CA LEU B 31 49.17 7.94 8.56
C LEU B 31 47.92 8.82 8.59
N LEU B 32 46.88 8.43 7.88
CA LEU B 32 45.66 9.23 7.76
C LEU B 32 44.48 8.86 8.64
N ALA B 33 44.50 7.71 9.33
CA ALA B 33 43.40 7.24 10.21
C ALA B 33 42.96 8.26 11.27
N ASN B 34 43.92 8.70 12.13
CA ASN B 34 43.74 9.67 13.21
C ASN B 34 43.28 11.04 12.69
N PRO B 35 43.97 11.70 11.70
CA PRO B 35 43.44 12.98 11.20
C PRO B 35 42.02 12.87 10.62
N VAL B 36 41.72 11.82 9.82
CA VAL B 36 40.38 11.62 9.22
C VAL B 36 39.33 11.43 10.33
N ALA B 37 39.63 10.62 11.35
CA ALA B 37 38.73 10.37 12.49
C ALA B 37 38.38 11.65 13.24
N GLU B 38 39.39 12.49 13.56
CA GLU B 38 39.19 13.76 14.26
C GLU B 38 38.41 14.75 13.41
N TYR B 39 38.66 14.78 12.09
CA TYR B 39 37.95 15.67 11.16
C TYR B 39 36.45 15.33 11.15
N LEU B 40 36.12 14.02 11.07
CA LEU B 40 34.75 13.48 11.08
C LEU B 40 34.00 13.75 12.37
N LYS B 41 34.70 13.60 13.51
CA LYS B 41 34.18 13.81 14.87
C LYS B 41 33.87 15.31 15.08
N MET B 42 34.80 16.19 14.67
CA MET B 42 34.66 17.64 14.80
C MET B 42 33.59 18.20 13.89
N SER B 43 33.48 17.68 12.65
CA SER B 43 32.46 18.06 11.66
C SER B 43 31.06 17.66 12.15
N LYS B 44 30.94 16.49 12.79
CA LYS B 44 29.70 15.94 13.37
C LYS B 44 29.21 16.85 14.50
N GLU B 45 30.14 17.33 15.37
CA GLU B 45 29.92 18.24 16.49
C GLU B 45 29.42 19.62 16.01
N ILE B 46 30.02 20.14 14.90
CA ILE B 46 29.60 21.41 14.27
C ILE B 46 28.21 21.21 13.61
N GLY B 47 28.04 20.07 12.93
CA GLY B 47 26.80 19.71 12.24
C GLY B 47 26.59 20.50 10.95
N GLY B 48 25.32 20.64 10.59
CA GLY B 48 24.84 21.38 9.42
C GLY B 48 25.55 21.05 8.13
N ASP B 49 25.86 22.09 7.32
CA ASP B 49 26.55 21.96 6.04
C ASP B 49 27.98 21.40 6.20
N VAL B 50 28.62 21.63 7.36
CA VAL B 50 29.96 21.10 7.70
C VAL B 50 29.94 19.56 7.81
N GLN B 51 28.94 19.00 8.52
CA GLN B 51 28.78 17.55 8.68
C GLN B 51 28.46 16.91 7.32
N LYS B 52 27.53 17.53 6.53
CA LYS B 52 27.12 17.11 5.19
C LYS B 52 28.35 17.03 4.26
N HIS B 53 29.23 18.07 4.29
CA HIS B 53 30.47 18.14 3.50
C HIS B 53 31.47 17.06 3.91
N ALA B 54 31.68 16.87 5.24
CA ALA B 54 32.59 15.86 5.80
C ALA B 54 32.30 14.46 5.32
N GLU B 55 31.00 14.12 5.15
CA GLU B 55 30.60 12.83 4.62
C GLU B 55 31.04 12.64 3.17
N MET B 56 30.89 13.71 2.34
CA MET B 56 31.32 13.71 0.95
C MET B 56 32.83 13.52 0.83
N VAL B 57 33.61 14.20 1.70
CA VAL B 57 35.08 14.10 1.82
C VAL B 57 35.46 12.66 2.24
N HIS B 58 34.72 12.07 3.22
CA HIS B 58 34.92 10.69 3.70
C HIS B 58 34.74 9.66 2.57
N THR B 59 33.76 9.90 1.69
CA THR B 59 33.48 9.08 0.50
C THR B 59 34.64 9.17 -0.52
N GLY B 60 35.17 10.38 -0.75
CA GLY B 60 36.32 10.62 -1.62
C GLY B 60 37.56 9.88 -1.16
N LEU B 61 37.86 9.92 0.16
CA LEU B 61 39.02 9.23 0.73
C LEU B 61 38.88 7.69 0.64
N LYS B 62 37.63 7.17 0.67
CA LYS B 62 37.30 5.76 0.51
C LYS B 62 37.61 5.33 -0.96
N LEU B 63 37.21 6.18 -1.94
CA LEU B 63 37.51 5.98 -3.37
C LEU B 63 39.01 6.10 -3.62
N GLU B 64 39.70 6.95 -2.84
CA GLU B 64 41.17 7.11 -2.90
C GLU B 64 41.86 5.79 -2.54
N ARG B 65 41.35 5.09 -1.50
CA ARG B 65 41.89 3.79 -1.06
C ARG B 65 41.64 2.71 -2.13
N ALA B 66 40.43 2.68 -2.70
CA ALA B 66 40.04 1.76 -3.78
C ALA B 66 41.01 1.88 -4.99
N LEU B 67 41.45 3.12 -5.32
CA LEU B 67 42.40 3.36 -6.38
C LEU B 67 43.83 2.93 -5.99
N LEU B 68 44.20 3.08 -4.71
CA LEU B 68 45.54 2.64 -4.27
C LEU B 68 45.63 1.12 -4.31
N ALA B 69 44.50 0.44 -3.99
CA ALA B 69 44.37 -1.03 -4.02
C ALA B 69 44.54 -1.49 -5.48
N THR B 70 43.90 -0.78 -6.43
CA THR B 70 44.00 -1.02 -7.87
C THR B 70 45.45 -0.89 -8.34
N ALA B 71 46.12 0.24 -8.00
CA ALA B 71 47.53 0.51 -8.34
C ALA B 71 48.50 -0.57 -7.86
N SER B 72 48.22 -1.21 -6.72
CA SER B 72 49.07 -2.27 -6.15
C SER B 72 49.04 -3.60 -6.92
N GLN B 73 47.90 -3.92 -7.56
CA GLN B 73 47.68 -5.16 -8.29
C GLN B 73 47.49 -4.96 -9.81
N CYS B 74 47.56 -3.70 -10.30
CA CYS B 74 47.37 -3.37 -11.72
C CYS B 74 48.55 -2.66 -12.37
N GLN B 75 48.78 -2.97 -13.66
CA GLN B 75 49.80 -2.31 -14.48
C GLN B 75 49.18 -0.98 -14.93
N GLN B 76 50.01 0.09 -15.03
CA GLN B 76 49.55 1.42 -15.40
C GLN B 76 48.96 1.53 -16.81
N PRO B 77 47.64 1.78 -16.96
CA PRO B 77 47.09 1.98 -18.30
C PRO B 77 47.36 3.42 -18.78
N ALA B 78 47.36 3.66 -20.10
CA ALA B 78 47.64 5.00 -20.64
C ALA B 78 46.47 5.63 -21.37
N GLY B 79 46.40 6.96 -21.29
CA GLY B 79 45.40 7.80 -21.92
C GLY B 79 43.97 7.54 -21.49
N ASN B 80 43.11 7.19 -22.48
CA ASN B 80 41.68 6.91 -22.32
C ASN B 80 41.40 5.78 -21.33
N LYS B 81 42.28 4.76 -21.29
CA LYS B 81 42.16 3.60 -20.39
C LYS B 81 42.39 4.01 -18.91
N LEU B 82 43.27 5.01 -18.66
CA LEU B 82 43.56 5.51 -17.32
C LEU B 82 42.46 6.44 -16.79
N SER B 83 41.82 7.22 -17.68
CA SER B 83 40.74 8.13 -17.32
C SER B 83 39.52 7.38 -16.75
N ASP B 84 39.22 6.18 -17.32
CA ASP B 84 38.12 5.30 -16.92
C ASP B 84 38.29 4.84 -15.47
N LEU B 85 39.54 4.52 -15.08
CA LEU B 85 39.91 4.08 -13.73
C LEU B 85 39.79 5.20 -12.69
N LEU B 86 40.04 6.47 -13.11
CA LEU B 86 40.02 7.65 -12.25
C LEU B 86 38.68 8.37 -12.20
N ALA B 87 37.73 8.04 -13.10
CA ALA B 87 36.41 8.66 -13.18
C ALA B 87 35.60 8.56 -11.86
N PRO B 88 35.53 7.41 -11.13
CA PRO B 88 34.80 7.39 -9.84
C PRO B 88 35.25 8.47 -8.84
N ILE B 89 36.57 8.54 -8.52
CA ILE B 89 37.12 9.54 -7.61
C ILE B 89 36.99 11.02 -8.19
N SER B 90 37.17 11.22 -9.52
CA SER B 90 37.04 12.57 -10.10
C SER B 90 35.61 13.13 -10.00
N GLU B 91 34.57 12.26 -10.13
CA GLU B 91 33.15 12.61 -9.96
C GLU B 91 32.92 13.04 -8.50
N GLN B 92 33.56 12.30 -7.55
CA GLN B 92 33.45 12.57 -6.13
C GLN B 92 34.11 13.87 -5.72
N ILE B 93 35.28 14.20 -6.31
CA ILE B 93 35.99 15.46 -6.05
C ILE B 93 35.07 16.63 -6.44
N GLN B 94 34.43 16.54 -7.61
CA GLN B 94 33.47 17.51 -8.14
C GLN B 94 32.20 17.60 -7.27
N GLU B 95 31.76 16.48 -6.66
CA GLU B 95 30.58 16.48 -5.79
C GLU B 95 30.82 17.40 -4.59
N VAL B 96 32.03 17.30 -4.00
CA VAL B 96 32.53 18.08 -2.87
C VAL B 96 32.66 19.57 -3.27
N ILE B 97 33.24 19.83 -4.46
CA ILE B 97 33.40 21.18 -5.01
C ILE B 97 32.02 21.84 -5.27
N THR B 98 31.13 21.19 -6.03
CA THR B 98 29.82 21.78 -6.37
C THR B 98 28.91 21.91 -5.13
N PHE B 99 29.15 21.19 -4.01
CA PHE B 99 28.36 21.37 -2.79
C PHE B 99 28.55 22.80 -2.26
N ARG B 100 29.80 23.28 -2.23
CA ARG B 100 30.16 24.62 -1.80
C ARG B 100 29.58 25.67 -2.75
N GLU B 101 29.68 25.43 -4.07
CA GLU B 101 29.16 26.32 -5.13
C GLU B 101 27.65 26.50 -5.04
N LYS B 102 26.93 25.46 -4.59
CA LYS B 102 25.47 25.54 -4.46
C LYS B 102 25.01 26.04 -3.09
N ASN B 103 25.96 26.18 -2.13
CA ASN B 103 25.68 26.61 -0.74
C ASN B 103 26.45 27.86 -0.33
N ARG B 104 26.57 28.82 -1.26
CA ARG B 104 27.23 30.12 -1.05
C ARG B 104 26.64 30.95 0.11
N GLY B 105 25.34 30.78 0.36
CA GLY B 105 24.65 31.46 1.44
C GLY B 105 24.64 30.66 2.73
N SER B 106 25.67 29.84 2.97
CA SER B 106 25.79 29.02 4.16
C SER B 106 26.43 29.79 5.29
N LYS B 107 26.05 29.44 6.55
CA LYS B 107 26.62 30.02 7.77
C LYS B 107 28.08 29.63 7.90
N PHE B 108 28.43 28.50 7.31
CA PHE B 108 29.78 27.97 7.34
C PHE B 108 30.40 27.99 5.94
N PHE B 109 30.35 29.17 5.27
CA PHE B 109 30.89 29.30 3.91
C PHE B 109 32.41 29.15 3.86
N ASN B 110 33.13 29.62 4.90
CA ASN B 110 34.58 29.51 4.99
C ASN B 110 35.05 28.08 5.23
N HIS B 111 34.22 27.27 5.93
CA HIS B 111 34.48 25.84 6.19
C HIS B 111 34.38 25.13 4.85
N LEU B 112 33.27 25.40 4.11
CA LEU B 112 32.93 24.84 2.80
C LEU B 112 34.01 25.21 1.77
N SER B 113 34.51 26.46 1.82
CA SER B 113 35.56 26.94 0.93
C SER B 113 36.89 26.27 1.25
N ALA B 114 37.20 26.06 2.54
CA ALA B 114 38.42 25.35 2.99
C ALA B 114 38.53 23.96 2.36
N VAL B 115 37.39 23.26 2.31
CA VAL B 115 37.25 21.93 1.75
C VAL B 115 37.27 21.93 0.21
N SER B 116 36.35 22.64 -0.46
CA SER B 116 36.26 22.67 -1.91
C SER B 116 37.54 23.17 -2.60
N GLU B 117 38.26 24.09 -1.94
CA GLU B 117 39.50 24.66 -2.48
C GLU B 117 40.76 23.81 -2.13
N SER B 118 40.59 22.66 -1.45
CA SER B 118 41.69 21.75 -1.14
C SER B 118 41.47 20.31 -1.57
N ILE B 119 40.20 19.85 -1.66
CA ILE B 119 39.75 18.48 -1.97
C ILE B 119 40.42 17.86 -3.20
N GLN B 120 40.86 18.72 -4.12
CA GLN B 120 41.59 18.43 -5.36
C GLN B 120 42.91 17.65 -5.11
N ALA B 121 43.44 17.69 -3.86
CA ALA B 121 44.63 16.97 -3.37
C ALA B 121 44.46 15.46 -3.59
N LEU B 122 43.20 14.97 -3.56
CA LEU B 122 42.84 13.57 -3.80
C LEU B 122 43.23 13.16 -5.23
N GLY B 123 43.25 14.13 -6.14
CA GLY B 123 43.64 13.92 -7.53
C GLY B 123 45.15 13.81 -7.77
N TRP B 124 45.97 13.65 -6.70
CA TRP B 124 47.44 13.49 -6.81
C TRP B 124 47.79 12.23 -7.62
N VAL B 125 46.95 11.18 -7.46
CA VAL B 125 47.02 9.86 -8.10
C VAL B 125 47.02 9.92 -9.64
N ALA B 126 46.60 11.06 -10.22
CA ALA B 126 46.57 11.27 -11.67
C ALA B 126 47.88 11.87 -12.20
N LEU B 127 48.71 12.47 -11.32
CA LEU B 127 49.97 13.12 -11.69
C LEU B 127 51.08 12.16 -12.13
N ALA B 128 51.88 12.61 -13.12
CA ALA B 128 53.01 11.89 -13.72
C ALA B 128 54.33 12.22 -13.01
N ALA B 129 54.35 13.33 -12.23
CA ALA B 129 55.48 13.84 -11.45
C ALA B 129 54.99 14.88 -10.42
N LYS B 130 55.87 15.23 -9.45
CA LYS B 130 55.64 16.24 -8.39
C LYS B 130 54.28 16.10 -7.63
N PRO B 131 53.88 14.90 -7.09
CA PRO B 131 52.60 14.82 -6.38
C PRO B 131 52.56 15.55 -5.02
N GLY B 132 53.71 15.57 -4.33
CA GLY B 132 53.92 16.22 -3.03
C GLY B 132 53.75 17.73 -3.02
N PRO B 133 54.47 18.52 -3.86
CA PRO B 133 54.25 19.98 -3.86
C PRO B 133 52.82 20.35 -4.24
N PHE B 134 52.17 19.51 -5.07
CA PHE B 134 50.79 19.65 -5.52
C PHE B 134 49.82 19.62 -4.34
N VAL B 135 49.97 18.66 -3.44
CA VAL B 135 49.14 18.51 -2.23
C VAL B 135 49.46 19.66 -1.22
N LYS B 136 50.73 20.14 -1.20
CA LYS B 136 51.16 21.25 -0.35
C LYS B 136 50.41 22.50 -0.77
N GLU B 137 50.30 22.74 -2.08
CA GLU B 137 49.61 23.89 -2.69
C GLU B 137 48.11 23.84 -2.35
N MET B 138 47.52 22.61 -2.32
CA MET B 138 46.12 22.40 -1.95
C MET B 138 45.90 22.73 -0.49
N ASN B 139 46.87 22.35 0.38
CA ASN B 139 46.88 22.61 1.83
C ASN B 139 47.02 24.11 2.14
N ASP B 140 47.71 24.88 1.27
CA ASP B 140 47.84 26.34 1.41
C ASP B 140 46.52 27.03 1.15
N ALA B 141 45.74 26.55 0.15
CA ALA B 141 44.40 27.08 -0.15
C ALA B 141 43.46 26.78 1.03
N ALA B 142 43.54 25.56 1.61
CA ALA B 142 42.74 25.16 2.78
C ALA B 142 43.04 26.10 3.95
N MET B 143 44.33 26.31 4.26
CA MET B 143 44.83 27.18 5.34
C MET B 143 44.32 28.61 5.27
N PHE B 144 44.25 29.19 4.06
CA PHE B 144 43.75 30.55 3.83
C PHE B 144 42.33 30.70 4.38
N TYR B 145 41.43 29.75 4.03
CA TYR B 145 40.03 29.77 4.45
C TYR B 145 39.84 29.33 5.90
N THR B 146 40.75 28.46 6.43
CA THR B 146 40.71 28.03 7.82
C THR B 146 41.12 29.17 8.75
N ASN B 147 42.04 30.06 8.31
CA ASN B 147 42.47 31.26 9.07
C ASN B 147 41.28 32.18 9.32
N ARG B 148 40.32 32.18 8.39
CA ARG B 148 39.06 32.93 8.49
C ARG B 148 38.14 32.26 9.51
N VAL B 149 38.15 30.90 9.56
CA VAL B 149 37.34 30.11 10.51
C VAL B 149 37.89 30.42 11.90
N LEU B 150 39.24 30.42 12.06
CA LEU B 150 39.97 30.75 13.29
C LEU B 150 39.61 32.15 13.77
N LYS B 151 39.84 33.18 12.95
CA LYS B 151 39.49 34.57 13.26
C LYS B 151 38.03 34.71 13.76
N GLU B 152 37.09 34.02 13.08
CA GLU B 152 35.65 34.03 13.36
C GLU B 152 35.23 33.17 14.58
N TYR B 153 36.00 32.12 14.96
CA TYR B 153 35.59 31.21 16.04
C TYR B 153 36.61 30.95 17.18
N ARG B 154 37.79 31.63 17.20
CA ARG B 154 38.74 31.51 18.32
C ARG B 154 38.04 32.25 19.48
N ASP B 155 38.19 31.77 20.73
CA ASP B 155 37.53 32.30 21.93
C ASP B 155 35.98 32.44 21.72
N VAL B 156 35.40 31.54 20.90
CA VAL B 156 33.97 31.43 20.59
C VAL B 156 33.61 29.95 20.78
N ASP B 157 34.12 29.07 19.89
CA ASP B 157 33.94 27.63 19.94
C ASP B 157 35.22 26.95 19.45
N LYS B 158 35.97 26.33 20.39
CA LYS B 158 37.25 25.66 20.15
C LYS B 158 37.13 24.42 19.26
N LYS B 159 35.91 23.83 19.14
CA LYS B 159 35.66 22.67 18.28
C LYS B 159 36.01 23.02 16.80
N HIS B 160 35.83 24.32 16.40
CA HIS B 160 36.18 24.87 15.09
C HIS B 160 37.71 24.96 14.93
N VAL B 161 38.42 25.25 16.04
CA VAL B 161 39.89 25.31 16.09
C VAL B 161 40.46 23.88 15.84
N ASP B 162 39.83 22.84 16.44
CA ASP B 162 40.22 21.43 16.28
C ASP B 162 39.84 20.93 14.89
N TRP B 163 38.64 21.35 14.38
CA TRP B 163 38.17 21.01 13.03
C TRP B 163 39.19 21.47 11.96
N VAL B 164 39.70 22.71 12.12
CA VAL B 164 40.72 23.34 11.29
C VAL B 164 42.03 22.51 11.34
N ARG B 165 42.51 22.19 12.55
CA ARG B 165 43.75 21.41 12.72
C ARG B 165 43.68 20.01 12.13
N ALA B 166 42.57 19.29 12.40
CA ALA B 166 42.32 17.93 11.92
C ALA B 166 42.19 17.90 10.39
N TYR B 167 41.53 18.90 9.79
CA TYR B 167 41.40 18.94 8.34
C TYR B 167 42.74 19.25 7.65
N LEU B 168 43.49 20.22 8.17
CA LEU B 168 44.81 20.57 7.62
C LEU B 168 45.83 19.42 7.85
N SER B 169 45.62 18.62 8.91
CA SER B 169 46.45 17.44 9.19
C SER B 169 46.26 16.30 8.18
N ILE B 170 45.03 16.13 7.61
CA ILE B 170 44.72 15.10 6.60
C ILE B 170 45.73 15.23 5.45
N TRP B 171 45.94 16.48 4.96
CA TRP B 171 46.81 16.77 3.84
C TRP B 171 48.29 16.85 4.23
N THR B 172 48.62 17.08 5.53
CA THR B 172 50.01 17.04 6.01
C THR B 172 50.45 15.56 6.03
N GLU B 173 49.54 14.66 6.43
CA GLU B 173 49.80 13.22 6.51
C GLU B 173 49.82 12.55 5.13
N LEU B 174 48.98 13.02 4.19
CA LEU B 174 48.95 12.53 2.81
C LEU B 174 50.30 12.85 2.12
N GLN B 175 50.91 14.02 2.45
CA GLN B 175 52.22 14.42 1.92
C GLN B 175 53.30 13.44 2.41
N ALA B 176 53.23 13.04 3.71
CA ALA B 176 54.15 12.09 4.34
C ALA B 176 54.08 10.72 3.66
N TYR B 177 52.86 10.29 3.28
CA TYR B 177 52.58 9.05 2.55
C TYR B 177 53.19 9.10 1.14
N ILE B 178 52.99 10.25 0.43
CA ILE B 178 53.51 10.49 -0.92
C ILE B 178 55.01 10.49 -0.90
N LYS B 179 55.63 11.34 -0.04
CA LYS B 179 57.08 11.47 0.09
C LYS B 179 57.76 10.12 0.33
N GLU B 180 57.12 9.27 1.15
CA GLU B 180 57.59 7.95 1.55
C GLU B 180 57.40 6.84 0.51
N PHE B 181 56.23 6.79 -0.17
CA PHE B 181 55.92 5.66 -1.07
C PHE B 181 55.72 5.96 -2.57
N HIS B 182 55.27 7.18 -2.92
CA HIS B 182 55.00 7.54 -4.31
C HIS B 182 55.48 8.97 -4.57
N THR B 183 56.75 9.22 -4.24
CA THR B 183 57.38 10.53 -4.31
C THR B 183 57.49 11.06 -5.74
N THR B 184 57.67 10.18 -6.75
CA THR B 184 57.79 10.54 -8.17
C THR B 184 56.45 10.32 -8.90
N GLY B 185 55.43 9.97 -8.14
CA GLY B 185 54.09 9.69 -8.63
C GLY B 185 53.61 8.31 -8.25
N LEU B 186 52.29 8.08 -8.33
CA LEU B 186 51.67 6.79 -8.01
C LEU B 186 52.39 5.62 -8.70
N ALA B 187 52.82 4.62 -7.89
CA ALA B 187 53.50 3.43 -8.35
C ALA B 187 52.48 2.33 -8.70
N TRP B 188 52.64 1.71 -9.88
CA TRP B 188 51.77 0.63 -10.39
C TRP B 188 52.55 -0.69 -10.47
N SER B 189 51.86 -1.83 -10.64
CA SER B 189 52.53 -3.12 -10.73
C SER B 189 52.78 -3.51 -12.19
N GLY C 15 43.50 20.38 -10.78
CA GLY C 15 44.04 19.04 -10.55
C GLY C 15 43.43 17.96 -11.43
N LEU C 16 42.56 17.12 -10.85
CA LEU C 16 41.89 16.04 -11.59
C LEU C 16 40.44 16.42 -11.97
N GLU C 17 40.23 16.78 -13.24
CA GLU C 17 38.93 17.18 -13.82
C GLU C 17 37.95 16.02 -13.93
N VAL C 18 36.63 16.32 -14.06
CA VAL C 18 35.57 15.31 -14.19
C VAL C 18 35.85 14.47 -15.42
N LEU C 19 35.99 13.16 -15.21
CA LEU C 19 36.30 12.23 -16.28
C LEU C 19 35.09 11.44 -16.76
N PHE C 20 35.04 11.20 -18.08
CA PHE C 20 34.01 10.41 -18.73
C PHE C 20 34.22 8.96 -18.30
N GLN C 21 33.12 8.33 -17.90
CA GLN C 21 33.07 6.97 -17.42
C GLN C 21 33.24 5.91 -18.53
N GLY C 22 33.94 4.83 -18.19
CA GLY C 22 34.23 3.70 -19.08
C GLY C 22 33.04 2.87 -19.52
N PRO C 23 33.24 1.88 -20.44
CA PRO C 23 32.10 1.07 -20.95
C PRO C 23 31.39 0.19 -19.92
N TYR C 24 32.13 -0.40 -18.96
CA TYR C 24 31.60 -1.27 -17.92
C TYR C 24 30.68 -0.50 -16.99
N VAL C 25 31.12 0.70 -16.59
CA VAL C 25 30.41 1.55 -15.65
C VAL C 25 29.30 2.35 -16.33
N GLN C 26 29.45 2.68 -17.62
CA GLN C 26 28.43 3.40 -18.38
C GLN C 26 27.16 2.54 -18.54
N ALA C 27 27.34 1.22 -18.81
CA ALA C 27 26.26 0.24 -18.96
C ALA C 27 25.55 0.01 -17.62
N PHE C 28 26.31 0.07 -16.51
CA PHE C 28 25.81 -0.09 -15.12
C PHE C 28 24.96 1.13 -14.77
N ASP C 29 25.47 2.34 -15.08
CA ASP C 29 24.80 3.62 -14.85
C ASP C 29 23.51 3.68 -15.66
N SER C 30 23.53 3.16 -16.91
CA SER C 30 22.36 3.10 -17.78
C SER C 30 21.22 2.33 -17.14
N LEU C 31 21.53 1.25 -16.42
CA LEU C 31 20.50 0.45 -15.78
C LEU C 31 20.12 0.91 -14.37
N LEU C 32 21.12 1.29 -13.55
CA LEU C 32 20.87 1.64 -12.16
C LEU C 32 20.79 3.15 -11.82
N ALA C 33 21.03 4.08 -12.76
CA ALA C 33 20.93 5.51 -12.43
C ALA C 33 19.54 5.92 -11.91
N ASN C 34 18.45 5.53 -12.60
CA ASN C 34 17.10 5.89 -12.21
C ASN C 34 16.63 5.20 -10.91
N PRO C 35 16.73 3.86 -10.70
CA PRO C 35 16.34 3.29 -9.38
C PRO C 35 17.06 3.92 -8.19
N VAL C 36 18.39 4.10 -8.28
CA VAL C 36 19.26 4.67 -7.25
C VAL C 36 18.84 6.13 -6.91
N ALA C 37 18.67 6.98 -7.93
CA ALA C 37 18.23 8.37 -7.76
C ALA C 37 16.86 8.42 -7.08
N GLU C 38 15.92 7.52 -7.49
CA GLU C 38 14.58 7.46 -6.91
C GLU C 38 14.64 6.99 -5.44
N TYR C 39 15.57 6.07 -5.13
CA TYR C 39 15.77 5.56 -3.77
C TYR C 39 16.40 6.66 -2.88
N LEU C 40 17.35 7.45 -3.42
CA LEU C 40 17.95 8.56 -2.67
C LEU C 40 16.95 9.67 -2.40
N LYS C 41 16.05 9.93 -3.35
CA LYS C 41 15.00 10.94 -3.23
C LYS C 41 14.03 10.54 -2.10
N MET C 42 13.44 9.32 -2.20
CA MET C 42 12.48 8.81 -1.24
C MET C 42 13.05 8.72 0.18
N SER C 43 14.35 8.36 0.31
CA SER C 43 15.09 8.27 1.58
C SER C 43 15.22 9.62 2.24
N LYS C 44 15.49 10.70 1.45
CA LYS C 44 15.59 12.07 1.93
C LYS C 44 14.22 12.52 2.49
N GLU C 45 13.13 12.20 1.77
CA GLU C 45 11.75 12.54 2.15
C GLU C 45 11.32 11.94 3.49
N ILE C 46 11.78 10.69 3.77
CA ILE C 46 11.56 9.97 5.04
C ILE C 46 12.51 10.52 6.13
N GLY C 47 13.75 10.84 5.76
CA GLY C 47 14.75 11.37 6.67
C GLY C 47 15.21 10.39 7.74
N GLY C 48 15.84 10.92 8.79
CA GLY C 48 16.33 10.18 9.94
C GLY C 48 17.33 9.08 9.61
N ASP C 49 17.12 7.88 10.20
CA ASP C 49 17.98 6.72 9.97
C ASP C 49 17.92 6.19 8.52
N VAL C 50 16.74 6.33 7.86
CA VAL C 50 16.53 5.95 6.47
C VAL C 50 17.46 6.79 5.57
N GLN C 51 17.48 8.11 5.76
CA GLN C 51 18.35 9.05 5.07
C GLN C 51 19.85 8.73 5.34
N LYS C 52 20.23 8.56 6.62
CA LYS C 52 21.60 8.22 7.03
C LYS C 52 22.08 6.94 6.34
N HIS C 53 21.21 5.88 6.32
CA HIS C 53 21.46 4.56 5.71
C HIS C 53 21.59 4.62 4.18
N ALA C 54 20.72 5.38 3.50
CA ALA C 54 20.72 5.57 2.04
C ALA C 54 22.04 6.13 1.53
N GLU C 55 22.66 7.06 2.29
CA GLU C 55 23.94 7.64 1.92
C GLU C 55 25.07 6.62 2.03
N MET C 56 24.95 5.66 2.97
CA MET C 56 25.95 4.61 3.13
C MET C 56 25.89 3.61 1.96
N VAL C 57 24.68 3.40 1.41
CA VAL C 57 24.40 2.52 0.27
C VAL C 57 24.93 3.19 -0.99
N HIS C 58 24.72 4.50 -1.11
CA HIS C 58 25.21 5.35 -2.20
C HIS C 58 26.75 5.23 -2.28
N THR C 59 27.46 5.34 -1.13
CA THR C 59 28.92 5.17 -1.03
C THR C 59 29.35 3.74 -1.50
N GLY C 60 28.59 2.71 -1.09
CA GLY C 60 28.81 1.33 -1.49
C GLY C 60 28.70 1.20 -2.99
N LEU C 61 27.55 1.64 -3.56
CA LEU C 61 27.32 1.70 -5.01
C LEU C 61 28.44 2.43 -5.78
N LYS C 62 29.01 3.52 -5.21
CA LYS C 62 30.13 4.28 -5.83
C LYS C 62 31.42 3.44 -5.86
N LEU C 63 31.69 2.66 -4.80
CA LEU C 63 32.83 1.72 -4.67
C LEU C 63 32.65 0.52 -5.63
N GLU C 64 31.40 0.14 -5.91
CA GLU C 64 31.01 -0.91 -6.85
C GLU C 64 31.38 -0.43 -8.27
N ARG C 65 31.04 0.85 -8.61
CA ARG C 65 31.37 1.50 -9.88
C ARG C 65 32.88 1.55 -10.06
N ALA C 66 33.62 1.86 -8.96
CA ALA C 66 35.08 1.89 -8.93
C ALA C 66 35.67 0.53 -9.24
N LEU C 67 35.13 -0.54 -8.62
CA LEU C 67 35.61 -1.90 -8.85
C LEU C 67 35.30 -2.39 -10.25
N LEU C 68 34.12 -2.05 -10.82
CA LEU C 68 33.77 -2.41 -12.21
C LEU C 68 34.74 -1.70 -13.18
N ALA C 69 35.18 -0.48 -12.83
CA ALA C 69 36.14 0.29 -13.61
C ALA C 69 37.54 -0.34 -13.59
N THR C 70 37.92 -1.07 -12.51
CA THR C 70 39.22 -1.74 -12.47
C THR C 70 39.16 -3.07 -13.25
N ALA C 71 38.09 -3.87 -13.10
CA ALA C 71 37.91 -5.16 -13.80
C ALA C 71 38.03 -5.00 -15.31
N SER C 72 37.52 -3.87 -15.86
CA SER C 72 37.57 -3.55 -17.28
C SER C 72 38.99 -3.29 -17.79
N GLN C 73 39.85 -2.65 -16.94
CA GLN C 73 41.22 -2.28 -17.28
C GLN C 73 42.30 -3.15 -16.59
N CYS C 74 41.89 -4.25 -15.93
CA CYS C 74 42.81 -5.15 -15.23
C CYS C 74 42.49 -6.61 -15.46
N GLN C 75 43.54 -7.43 -15.56
CA GLN C 75 43.47 -8.88 -15.67
C GLN C 75 43.06 -9.39 -14.28
N GLN C 76 42.44 -10.58 -14.20
CA GLN C 76 42.05 -11.10 -12.89
C GLN C 76 43.31 -11.54 -12.09
N PRO C 77 43.57 -10.92 -10.90
CA PRO C 77 44.75 -11.35 -10.11
C PRO C 77 44.49 -12.64 -9.33
N ALA C 78 45.53 -13.21 -8.68
CA ALA C 78 45.46 -14.45 -7.89
C ALA C 78 44.43 -14.36 -6.76
N GLY C 79 43.75 -15.48 -6.49
CA GLY C 79 42.69 -15.62 -5.48
C GLY C 79 42.91 -14.91 -4.16
N ASN C 80 44.15 -15.03 -3.62
CA ASN C 80 44.57 -14.40 -2.36
C ASN C 80 44.69 -12.88 -2.50
N LYS C 81 45.32 -12.43 -3.61
CA LYS C 81 45.55 -11.01 -3.90
C LYS C 81 44.29 -10.28 -4.40
N LEU C 82 43.25 -11.02 -4.82
CA LEU C 82 41.98 -10.47 -5.27
C LEU C 82 41.23 -9.80 -4.09
N SER C 83 41.47 -10.27 -2.86
CA SER C 83 40.89 -9.73 -1.63
C SER C 83 41.44 -8.31 -1.33
N ASP C 84 42.69 -8.02 -1.74
CA ASP C 84 43.32 -6.69 -1.57
C ASP C 84 42.58 -5.64 -2.43
N LEU C 85 41.98 -6.08 -3.56
CA LEU C 85 41.19 -5.26 -4.47
C LEU C 85 39.77 -5.08 -3.95
N LEU C 86 39.16 -6.17 -3.43
CA LEU C 86 37.79 -6.18 -2.91
C LEU C 86 37.66 -5.67 -1.48
N ALA C 87 38.79 -5.48 -0.74
CA ALA C 87 38.81 -4.99 0.66
C ALA C 87 38.04 -3.67 0.87
N PRO C 88 38.17 -2.61 0.02
CA PRO C 88 37.40 -1.37 0.24
C PRO C 88 35.87 -1.53 0.20
N ILE C 89 35.30 -2.25 -0.82
CA ILE C 89 33.84 -2.44 -0.89
C ILE C 89 33.36 -3.41 0.23
N SER C 90 34.19 -4.40 0.64
CA SER C 90 33.83 -5.30 1.75
C SER C 90 33.71 -4.53 3.09
N GLU C 91 34.50 -3.45 3.26
CA GLU C 91 34.49 -2.55 4.43
C GLU C 91 33.18 -1.73 4.47
N GLN C 92 32.73 -1.29 3.29
CA GLN C 92 31.54 -0.47 3.16
C GLN C 92 30.25 -1.28 3.35
N ILE C 93 30.18 -2.50 2.79
CA ILE C 93 29.04 -3.44 2.92
C ILE C 93 28.77 -3.67 4.43
N GLN C 94 29.84 -3.92 5.20
CA GLN C 94 29.88 -4.11 6.66
C GLN C 94 29.48 -2.83 7.41
N GLU C 95 29.93 -1.63 6.94
CA GLU C 95 29.53 -0.34 7.53
C GLU C 95 27.98 -0.19 7.52
N VAL C 96 27.33 -0.57 6.39
CA VAL C 96 25.87 -0.56 6.14
C VAL C 96 25.16 -1.59 7.07
N ILE C 97 25.71 -2.81 7.17
CA ILE C 97 25.18 -3.88 8.01
C ILE C 97 25.22 -3.50 9.51
N THR C 98 26.36 -2.94 10.01
CA THR C 98 26.48 -2.60 11.43
C THR C 98 25.65 -1.31 11.78
N PHE C 99 25.28 -0.44 10.81
CA PHE C 99 24.41 0.70 11.12
C PHE C 99 23.08 0.14 11.68
N ARG C 100 22.53 -0.90 11.03
CA ARG C 100 21.30 -1.58 11.45
C ARG C 100 21.45 -2.27 12.82
N GLU C 101 22.63 -2.88 13.05
CA GLU C 101 22.97 -3.61 14.29
C GLU C 101 23.04 -2.68 15.51
N LYS C 102 23.50 -1.45 15.30
CA LYS C 102 23.67 -0.43 16.33
C LYS C 102 22.42 0.45 16.52
N ASN C 103 21.47 0.38 15.57
CA ASN C 103 20.25 1.17 15.59
C ASN C 103 19.01 0.32 15.63
N ARG C 104 19.00 -0.70 16.50
CA ARG C 104 17.84 -1.60 16.65
C ARG C 104 16.61 -0.85 17.22
N GLY C 105 16.87 0.18 18.01
CA GLY C 105 15.84 1.05 18.58
C GLY C 105 15.15 1.98 17.60
N SER C 106 15.62 2.03 16.31
CA SER C 106 15.08 2.89 15.26
C SER C 106 13.57 2.83 15.07
N LYS C 107 12.97 3.97 14.65
CA LYS C 107 11.55 3.98 14.36
C LYS C 107 11.32 3.40 12.96
N PHE C 108 12.42 3.19 12.19
CA PHE C 108 12.39 2.62 10.85
C PHE C 108 13.25 1.34 10.76
N PHE C 109 13.12 0.46 11.77
CA PHE C 109 13.86 -0.78 11.88
C PHE C 109 13.72 -1.73 10.68
N ASN C 110 12.51 -1.82 10.08
CA ASN C 110 12.33 -2.73 8.95
C ASN C 110 12.98 -2.21 7.67
N HIS C 111 13.09 -0.87 7.51
CA HIS C 111 13.76 -0.20 6.39
C HIS C 111 15.26 -0.49 6.48
N LEU C 112 15.79 -0.42 7.72
CA LEU C 112 17.19 -0.66 8.05
C LEU C 112 17.52 -2.13 7.78
N SER C 113 16.58 -3.04 8.14
CA SER C 113 16.69 -4.48 7.95
C SER C 113 16.64 -4.85 6.48
N ALA C 114 15.71 -4.27 5.72
CA ALA C 114 15.57 -4.45 4.27
C ALA C 114 16.91 -4.17 3.61
N VAL C 115 17.57 -3.08 4.01
CA VAL C 115 18.87 -2.69 3.48
C VAL C 115 20.04 -3.62 3.98
N SER C 116 20.23 -3.74 5.29
CA SER C 116 21.32 -4.56 5.85
C SER C 116 21.33 -6.04 5.39
N GLU C 117 20.14 -6.62 5.17
CA GLU C 117 19.97 -8.03 4.79
C GLU C 117 20.02 -8.30 3.27
N SER C 118 20.23 -7.25 2.47
CA SER C 118 20.31 -7.33 1.01
C SER C 118 21.58 -6.64 0.44
N ILE C 119 22.22 -5.73 1.21
CA ILE C 119 23.40 -4.94 0.79
C ILE C 119 24.57 -5.82 0.29
N GLN C 120 24.58 -7.14 0.67
CA GLN C 120 25.61 -8.09 0.24
C GLN C 120 25.55 -8.42 -1.26
N ALA C 121 24.50 -7.95 -1.95
CA ALA C 121 24.28 -8.09 -3.40
C ALA C 121 25.41 -7.40 -4.13
N LEU C 122 25.99 -6.32 -3.52
CA LEU C 122 27.15 -5.57 -4.01
C LEU C 122 28.42 -6.44 -4.04
N GLY C 123 28.43 -7.51 -3.23
CA GLY C 123 29.55 -8.44 -3.17
C GLY C 123 29.56 -9.48 -4.27
N TRP C 124 28.63 -9.39 -5.27
CA TRP C 124 28.51 -10.31 -6.42
C TRP C 124 29.82 -10.36 -7.23
N VAL C 125 30.55 -9.22 -7.27
CA VAL C 125 31.82 -8.98 -7.97
C VAL C 125 32.96 -9.90 -7.52
N ALA C 126 32.78 -10.58 -6.36
CA ALA C 126 33.75 -11.48 -5.76
C ALA C 126 33.50 -12.94 -6.17
N LEU C 127 32.32 -13.24 -6.73
CA LEU C 127 31.91 -14.59 -7.11
C LEU C 127 32.53 -15.10 -8.39
N ALA C 128 32.96 -16.38 -8.33
CA ALA C 128 33.57 -17.11 -9.44
C ALA C 128 32.49 -17.56 -10.45
N ALA C 129 31.29 -17.91 -9.94
CA ALA C 129 30.14 -18.34 -10.76
C ALA C 129 28.79 -18.00 -10.11
N LYS C 130 27.69 -18.19 -10.87
CA LYS C 130 26.29 -17.97 -10.49
C LYS C 130 26.04 -16.60 -9.78
N PRO C 131 26.47 -15.45 -10.40
CA PRO C 131 26.25 -14.15 -9.73
C PRO C 131 24.79 -13.66 -9.71
N GLY C 132 24.04 -13.97 -10.77
CA GLY C 132 22.63 -13.62 -10.92
C GLY C 132 21.74 -14.25 -9.87
N PRO C 133 21.77 -15.61 -9.70
CA PRO C 133 20.95 -16.22 -8.62
C PRO C 133 21.30 -15.76 -7.19
N PHE C 134 22.51 -15.19 -7.00
CA PHE C 134 22.97 -14.65 -5.72
C PHE C 134 22.27 -13.34 -5.39
N VAL C 135 22.29 -12.38 -6.34
CA VAL C 135 21.65 -11.07 -6.19
C VAL C 135 20.14 -11.25 -6.02
N LYS C 136 19.56 -12.28 -6.68
CA LYS C 136 18.14 -12.60 -6.59
C LYS C 136 17.75 -12.98 -5.13
N GLU C 137 18.60 -13.81 -4.47
CA GLU C 137 18.43 -14.26 -3.07
C GLU C 137 18.48 -13.05 -2.12
N MET C 138 19.41 -12.09 -2.41
CA MET C 138 19.61 -10.84 -1.69
C MET C 138 18.38 -9.97 -1.84
N ASN C 139 17.79 -9.95 -3.05
CA ASN C 139 16.58 -9.22 -3.32
C ASN C 139 15.35 -9.86 -2.60
N ASP C 140 15.33 -11.18 -2.42
CA ASP C 140 14.24 -11.89 -1.71
C ASP C 140 14.23 -11.47 -0.25
N ALA C 141 15.43 -11.31 0.36
CA ALA C 141 15.67 -10.86 1.72
C ALA C 141 15.17 -9.43 1.87
N ALA C 142 15.52 -8.55 0.91
CA ALA C 142 15.06 -7.14 0.90
C ALA C 142 13.52 -7.12 0.92
N MET C 143 12.91 -7.91 0.01
CA MET C 143 11.46 -8.07 -0.13
C MET C 143 10.76 -8.49 1.13
N PHE C 144 11.38 -9.42 1.92
CA PHE C 144 10.82 -9.91 3.19
C PHE C 144 10.57 -8.76 4.17
N TYR C 145 11.57 -7.89 4.36
CA TYR C 145 11.50 -6.77 5.26
C TYR C 145 10.70 -5.59 4.72
N THR C 146 10.72 -5.37 3.39
CA THR C 146 9.95 -4.29 2.76
C THR C 146 8.45 -4.62 2.81
N ASN C 147 8.12 -5.92 2.83
CA ASN C 147 6.74 -6.38 2.98
C ASN C 147 6.16 -5.92 4.36
N ARG C 148 7.04 -5.87 5.40
CA ARG C 148 6.74 -5.36 6.74
C ARG C 148 6.54 -3.83 6.69
N VAL C 149 7.47 -3.11 5.98
CA VAL C 149 7.40 -1.66 5.74
C VAL C 149 6.01 -1.34 5.07
N LEU C 150 5.65 -2.06 3.96
CA LEU C 150 4.37 -1.92 3.25
C LEU C 150 3.22 -2.14 4.22
N LYS C 151 3.18 -3.30 4.90
CA LYS C 151 2.19 -3.64 5.91
C LYS C 151 1.96 -2.51 6.94
N GLU C 152 3.05 -1.83 7.39
CA GLU C 152 3.01 -0.74 8.38
C GLU C 152 2.63 0.66 7.87
N TYR C 153 3.09 1.07 6.65
CA TYR C 153 2.84 2.42 6.10
C TYR C 153 1.98 2.54 4.82
N ARG C 154 1.55 1.42 4.19
CA ARG C 154 0.72 1.42 2.96
C ARG C 154 -0.53 2.32 3.03
N ASP C 155 -1.20 2.35 4.21
CA ASP C 155 -2.43 3.11 4.47
C ASP C 155 -2.16 4.42 5.24
N VAL C 156 -0.87 4.71 5.53
CA VAL C 156 -0.46 5.89 6.31
C VAL C 156 0.31 6.92 5.46
N ASP C 157 1.37 6.48 4.73
CA ASP C 157 2.21 7.37 3.92
C ASP C 157 2.73 6.71 2.64
N LYS C 158 2.33 7.24 1.46
CA LYS C 158 2.74 6.75 0.15
C LYS C 158 4.25 6.86 -0.08
N LYS C 159 4.95 7.77 0.64
CA LYS C 159 6.40 7.94 0.47
C LYS C 159 7.16 6.63 0.83
N HIS C 160 6.63 5.85 1.79
CA HIS C 160 7.20 4.56 2.19
C HIS C 160 7.02 3.49 1.11
N VAL C 161 5.86 3.52 0.43
CA VAL C 161 5.49 2.64 -0.69
C VAL C 161 6.46 2.88 -1.86
N ASP C 162 6.72 4.17 -2.20
CA ASP C 162 7.64 4.54 -3.28
C ASP C 162 9.10 4.22 -2.94
N TRP C 163 9.47 4.29 -1.65
CA TRP C 163 10.79 3.94 -1.12
C TRP C 163 11.07 2.46 -1.44
N VAL C 164 10.13 1.57 -1.06
CA VAL C 164 10.16 0.12 -1.25
C VAL C 164 10.35 -0.19 -2.73
N ARG C 165 9.53 0.41 -3.60
CA ARG C 165 9.60 0.27 -5.07
C ARG C 165 10.98 0.62 -5.59
N ALA C 166 11.49 1.80 -5.22
CA ALA C 166 12.80 2.31 -5.64
C ALA C 166 13.94 1.42 -5.17
N TYR C 167 13.93 1.00 -3.88
CA TYR C 167 14.97 0.13 -3.33
C TYR C 167 14.99 -1.26 -3.98
N LEU C 168 13.81 -1.91 -4.14
CA LEU C 168 13.74 -3.27 -4.76
C LEU C 168 14.15 -3.24 -6.23
N SER C 169 13.88 -2.13 -6.95
CA SER C 169 14.24 -1.98 -8.35
C SER C 169 15.75 -1.86 -8.59
N ILE C 170 16.55 -1.46 -7.57
CA ILE C 170 18.02 -1.37 -7.65
C ILE C 170 18.58 -2.79 -7.94
N TRP C 171 18.10 -3.81 -7.17
CA TRP C 171 18.55 -5.19 -7.27
C TRP C 171 17.96 -5.88 -8.47
N THR C 172 16.71 -5.53 -8.87
CA THR C 172 16.08 -6.01 -10.13
C THR C 172 16.97 -5.57 -11.33
N GLU C 173 17.44 -4.31 -11.29
CA GLU C 173 18.28 -3.74 -12.34
C GLU C 173 19.73 -4.24 -12.29
N LEU C 174 20.24 -4.60 -11.08
CA LEU C 174 21.60 -5.18 -10.97
C LEU C 174 21.60 -6.57 -11.60
N GLN C 175 20.50 -7.34 -11.40
CA GLN C 175 20.26 -8.68 -11.96
C GLN C 175 20.23 -8.61 -13.49
N ALA C 176 19.67 -7.51 -14.02
CA ALA C 176 19.56 -7.22 -15.44
C ALA C 176 20.94 -6.88 -16.02
N TYR C 177 21.79 -6.16 -15.26
CA TYR C 177 23.16 -5.79 -15.64
C TYR C 177 24.06 -7.05 -15.64
N ILE C 178 23.86 -7.93 -14.64
CA ILE C 178 24.58 -9.21 -14.52
C ILE C 178 24.17 -10.16 -15.66
N LYS C 179 22.86 -10.24 -16.02
CA LYS C 179 22.41 -11.10 -17.11
C LYS C 179 22.97 -10.66 -18.49
N GLU C 180 22.88 -9.36 -18.79
CA GLU C 180 23.33 -8.77 -20.04
C GLU C 180 24.85 -8.72 -20.22
N PHE C 181 25.66 -8.67 -19.12
CA PHE C 181 27.11 -8.52 -19.26
C PHE C 181 28.02 -9.48 -18.49
N HIS C 182 27.63 -9.92 -17.26
CA HIS C 182 28.49 -10.77 -16.42
C HIS C 182 27.74 -11.99 -15.90
N THR C 183 27.05 -12.71 -16.82
CA THR C 183 26.20 -13.88 -16.51
C THR C 183 26.90 -15.00 -15.76
N THR C 184 28.18 -15.28 -16.11
CA THR C 184 28.99 -16.34 -15.50
C THR C 184 29.85 -15.85 -14.34
N GLY C 185 29.91 -14.55 -14.17
CA GLY C 185 30.73 -13.91 -13.13
C GLY C 185 31.31 -12.63 -13.67
N LEU C 186 31.98 -11.84 -12.79
CA LEU C 186 32.61 -10.58 -13.19
C LEU C 186 33.74 -10.89 -14.16
N ALA C 187 33.62 -10.34 -15.38
CA ALA C 187 34.57 -10.53 -16.48
C ALA C 187 35.74 -9.56 -16.36
N TRP C 188 36.97 -10.09 -16.28
CA TRP C 188 38.18 -9.29 -16.18
C TRP C 188 38.91 -9.31 -17.53
N SER C 189 39.63 -8.23 -17.87
CA SER C 189 40.38 -8.12 -19.13
C SER C 189 41.61 -9.04 -19.14
N HIS D 11 -46.28 -23.44 14.62
CA HIS D 11 -46.70 -22.39 15.56
C HIS D 11 -46.54 -20.95 15.00
N HIS D 12 -47.44 -20.03 15.44
CA HIS D 12 -47.45 -18.63 14.99
C HIS D 12 -46.38 -17.75 15.65
N SER D 13 -46.03 -18.00 16.94
CA SER D 13 -45.01 -17.23 17.69
C SER D 13 -43.62 -17.27 17.03
N ALA D 14 -43.30 -18.38 16.33
CA ALA D 14 -42.06 -18.54 15.58
C ALA D 14 -42.07 -17.71 14.29
N GLY D 15 -43.28 -17.46 13.74
CA GLY D 15 -43.47 -16.70 12.51
C GLY D 15 -42.99 -17.43 11.27
N LEU D 16 -42.49 -16.67 10.28
CA LEU D 16 -42.02 -17.23 9.01
C LEU D 16 -40.66 -17.95 9.14
N GLU D 17 -40.69 -19.30 9.00
CA GLU D 17 -39.52 -20.18 9.05
C GLU D 17 -38.65 -19.97 7.81
N VAL D 18 -37.37 -20.39 7.87
CA VAL D 18 -36.51 -20.28 6.70
C VAL D 18 -37.01 -21.24 5.63
N LEU D 19 -37.11 -20.71 4.40
CA LEU D 19 -37.58 -21.45 3.26
C LEU D 19 -36.46 -21.72 2.27
N PHE D 20 -36.59 -22.86 1.57
CA PHE D 20 -35.66 -23.26 0.52
C PHE D 20 -35.99 -22.40 -0.68
N GLN D 21 -34.95 -21.98 -1.42
CA GLN D 21 -35.13 -21.17 -2.61
C GLN D 21 -35.66 -22.03 -3.73
N GLY D 22 -36.48 -21.45 -4.58
CA GLY D 22 -37.00 -22.11 -5.78
C GLY D 22 -35.91 -22.32 -6.80
N PRO D 23 -36.20 -23.03 -7.93
CA PRO D 23 -35.14 -23.32 -8.93
C PRO D 23 -34.39 -22.13 -9.54
N TYR D 24 -35.10 -21.02 -9.90
CA TYR D 24 -34.45 -19.82 -10.48
C TYR D 24 -33.34 -19.29 -9.56
N VAL D 25 -33.62 -19.16 -8.25
CA VAL D 25 -32.70 -18.62 -7.26
C VAL D 25 -31.62 -19.64 -6.89
N GLN D 26 -31.96 -20.95 -6.87
CA GLN D 26 -30.99 -22.01 -6.57
C GLN D 26 -29.87 -21.99 -7.63
N ALA D 27 -30.25 -21.87 -8.92
CA ALA D 27 -29.36 -21.77 -10.08
C ALA D 27 -28.49 -20.51 -9.96
N PHE D 28 -29.11 -19.38 -9.54
CA PHE D 28 -28.42 -18.10 -9.33
C PHE D 28 -27.32 -18.25 -8.25
N ASP D 29 -27.70 -18.81 -7.07
CA ASP D 29 -26.84 -19.04 -5.92
C ASP D 29 -25.69 -19.97 -6.20
N SER D 30 -25.90 -21.07 -6.95
CA SER D 30 -24.84 -22.03 -7.29
C SER D 30 -23.71 -21.38 -8.13
N LEU D 31 -24.08 -20.39 -8.93
CA LEU D 31 -23.14 -19.68 -9.79
C LEU D 31 -22.49 -18.47 -9.12
N LEU D 32 -23.28 -17.74 -8.32
CA LEU D 32 -22.85 -16.48 -7.69
C LEU D 32 -22.45 -16.54 -6.21
N ALA D 33 -22.68 -17.62 -5.48
CA ALA D 33 -22.34 -17.65 -4.05
C ALA D 33 -20.85 -17.39 -3.74
N ASN D 34 -19.93 -18.07 -4.43
CA ASN D 34 -18.49 -18.00 -4.20
C ASN D 34 -17.92 -16.63 -4.57
N PRO D 35 -18.20 -16.02 -5.77
CA PRO D 35 -17.70 -14.64 -6.02
C PRO D 35 -18.20 -13.63 -4.98
N VAL D 36 -19.51 -13.68 -4.64
CA VAL D 36 -20.18 -12.78 -3.70
C VAL D 36 -19.55 -12.85 -2.29
N ALA D 37 -19.29 -14.06 -1.79
CA ALA D 37 -18.66 -14.33 -0.50
C ALA D 37 -17.22 -13.77 -0.45
N GLU D 38 -16.44 -14.00 -1.51
CA GLU D 38 -15.07 -13.51 -1.60
C GLU D 38 -15.05 -11.99 -1.64
N TYR D 39 -15.91 -11.39 -2.47
CA TYR D 39 -16.07 -9.93 -2.56
C TYR D 39 -16.44 -9.32 -1.19
N LEU D 40 -17.36 -9.96 -0.43
CA LEU D 40 -17.76 -9.51 0.90
C LEU D 40 -16.67 -9.68 1.93
N LYS D 41 -15.86 -10.75 1.81
CA LYS D 41 -14.72 -11.02 2.70
C LYS D 41 -13.63 -9.96 2.51
N MET D 42 -13.26 -9.69 1.25
CA MET D 42 -12.22 -8.73 0.93
C MET D 42 -12.64 -7.28 1.22
N SER D 43 -13.93 -6.97 1.05
CA SER D 43 -14.47 -5.64 1.34
C SER D 43 -14.37 -5.34 2.81
N LYS D 44 -14.67 -6.35 3.68
CA LYS D 44 -14.56 -6.25 5.14
C LYS D 44 -13.07 -6.09 5.55
N GLU D 45 -12.16 -6.79 4.86
CA GLU D 45 -10.71 -6.70 5.10
C GLU D 45 -10.15 -5.32 4.75
N ILE D 46 -10.61 -4.68 3.63
CA ILE D 46 -10.21 -3.33 3.24
C ILE D 46 -10.85 -2.31 4.21
N GLY D 47 -12.12 -2.52 4.53
CA GLY D 47 -12.89 -1.69 5.44
C GLY D 47 -13.32 -0.40 4.77
N GLY D 48 -13.50 0.63 5.60
CA GLY D 48 -13.88 1.97 5.21
C GLY D 48 -15.04 2.00 4.25
N ASP D 49 -14.93 2.87 3.24
CA ASP D 49 -15.91 3.09 2.17
C ASP D 49 -16.16 1.86 1.28
N VAL D 50 -15.14 1.02 1.07
CA VAL D 50 -15.23 -0.23 0.30
C VAL D 50 -16.19 -1.23 1.00
N GLN D 51 -16.08 -1.33 2.34
CA GLN D 51 -16.94 -2.14 3.18
C GLN D 51 -18.39 -1.65 3.16
N LYS D 52 -18.62 -0.34 3.42
CA LYS D 52 -19.95 0.32 3.37
C LYS D 52 -20.68 0.06 2.03
N HIS D 53 -19.94 0.21 0.90
CA HIS D 53 -20.42 0.02 -0.47
C HIS D 53 -20.84 -1.46 -0.75
N ALA D 54 -20.05 -2.42 -0.24
CA ALA D 54 -20.29 -3.85 -0.39
C ALA D 54 -21.59 -4.27 0.25
N GLU D 55 -21.96 -3.62 1.37
CA GLU D 55 -23.21 -3.86 2.10
C GLU D 55 -24.39 -3.44 1.26
N MET D 56 -24.24 -2.34 0.50
CA MET D 56 -25.28 -1.86 -0.39
C MET D 56 -25.45 -2.78 -1.61
N VAL D 57 -24.32 -3.28 -2.17
CA VAL D 57 -24.25 -4.21 -3.31
C VAL D 57 -24.89 -5.55 -2.91
N HIS D 58 -24.60 -6.03 -1.68
CA HIS D 58 -25.13 -7.26 -1.11
C HIS D 58 -26.68 -7.18 -0.96
N THR D 59 -27.21 -6.02 -0.56
CA THR D 59 -28.65 -5.76 -0.49
C THR D 59 -29.26 -5.75 -1.92
N GLY D 60 -28.56 -5.14 -2.90
CA GLY D 60 -28.93 -5.16 -4.31
C GLY D 60 -29.05 -6.58 -4.82
N LEU D 61 -28.06 -7.44 -4.46
CA LEU D 61 -28.08 -8.87 -4.81
C LEU D 61 -29.22 -9.62 -4.18
N LYS D 62 -29.58 -9.29 -2.93
CA LYS D 62 -30.71 -9.88 -2.18
C LYS D 62 -32.07 -9.48 -2.84
N LEU D 63 -32.16 -8.27 -3.38
CA LEU D 63 -33.32 -7.77 -4.12
C LEU D 63 -33.36 -8.39 -5.53
N GLU D 64 -32.17 -8.72 -6.11
CA GLU D 64 -32.04 -9.46 -7.37
C GLU D 64 -32.71 -10.85 -7.24
N ARG D 65 -32.40 -11.60 -6.15
CA ARG D 65 -32.96 -12.93 -5.85
C ARG D 65 -34.48 -12.84 -5.63
N ALA D 66 -34.95 -11.84 -4.85
CA ALA D 66 -36.39 -11.59 -4.59
C ALA D 66 -37.16 -11.38 -5.91
N LEU D 67 -36.56 -10.67 -6.89
CA LEU D 67 -37.18 -10.49 -8.21
C LEU D 67 -37.19 -11.74 -9.05
N LEU D 68 -36.07 -12.51 -9.09
CA LEU D 68 -36.02 -13.79 -9.81
C LEU D 68 -37.12 -14.72 -9.30
N ALA D 69 -37.34 -14.76 -7.96
CA ALA D 69 -38.42 -15.56 -7.34
C ALA D 69 -39.80 -15.08 -7.81
N THR D 70 -39.98 -13.76 -7.96
CA THR D 70 -41.21 -13.14 -8.45
C THR D 70 -41.51 -13.66 -9.85
N ALA D 71 -40.53 -13.51 -10.78
CA ALA D 71 -40.57 -13.93 -12.19
C ALA D 71 -40.91 -15.41 -12.41
N SER D 72 -40.37 -16.30 -11.54
CA SER D 72 -40.64 -17.74 -11.60
C SER D 72 -42.11 -18.06 -11.30
N GLN D 73 -42.81 -17.21 -10.50
CA GLN D 73 -44.22 -17.40 -10.15
C GLN D 73 -45.17 -16.32 -10.67
N CYS D 74 -44.71 -15.41 -11.53
CA CYS D 74 -45.56 -14.33 -12.02
C CYS D 74 -45.53 -14.09 -13.49
N GLN D 75 -46.71 -13.78 -14.05
CA GLN D 75 -46.85 -13.41 -15.46
C GLN D 75 -46.23 -12.00 -15.60
N GLN D 76 -45.47 -11.75 -16.68
CA GLN D 76 -44.84 -10.45 -16.91
C GLN D 76 -45.94 -9.38 -16.98
N PRO D 77 -45.95 -8.37 -16.07
CA PRO D 77 -47.04 -7.39 -16.11
C PRO D 77 -46.89 -6.33 -17.22
N ALA D 78 -47.97 -5.53 -17.44
CA ALA D 78 -48.04 -4.45 -18.44
C ALA D 78 -46.89 -3.46 -18.28
N GLY D 79 -46.42 -2.89 -19.40
CA GLY D 79 -45.32 -1.93 -19.47
C GLY D 79 -45.11 -1.05 -18.25
N ASN D 80 -46.19 -0.40 -17.79
CA ASN D 80 -46.21 0.48 -16.61
C ASN D 80 -46.08 -0.31 -15.30
N LYS D 81 -46.94 -1.34 -15.14
CA LYS D 81 -47.05 -2.24 -13.98
C LYS D 81 -45.74 -2.99 -13.59
N LEU D 82 -44.75 -3.06 -14.53
CA LEU D 82 -43.46 -3.70 -14.30
C LEU D 82 -42.53 -2.79 -13.46
N SER D 83 -42.61 -1.46 -13.68
CA SER D 83 -41.81 -0.48 -12.95
C SER D 83 -42.14 -0.48 -11.43
N ASP D 84 -43.38 -0.88 -11.08
CA ASP D 84 -43.88 -1.08 -9.72
C ASP D 84 -43.11 -2.26 -9.09
N LEU D 85 -42.86 -3.33 -9.87
CA LEU D 85 -42.09 -4.49 -9.40
C LEU D 85 -40.61 -4.17 -9.31
N LEU D 86 -40.08 -3.36 -10.26
CA LEU D 86 -38.65 -3.07 -10.32
C LEU D 86 -38.22 -1.88 -9.46
N ALA D 87 -39.18 -1.09 -8.90
CA ALA D 87 -38.89 0.08 -8.06
C ALA D 87 -38.01 -0.24 -6.86
N PRO D 88 -38.24 -1.36 -6.11
CA PRO D 88 -37.30 -1.73 -5.03
C PRO D 88 -35.84 -1.96 -5.46
N ILE D 89 -35.60 -2.69 -6.56
CA ILE D 89 -34.24 -2.90 -7.06
C ILE D 89 -33.64 -1.61 -7.69
N SER D 90 -34.48 -0.78 -8.37
CA SER D 90 -33.95 0.46 -8.96
C SER D 90 -33.58 1.51 -7.90
N GLU D 91 -34.25 1.50 -6.73
CA GLU D 91 -33.89 2.36 -5.59
C GLU D 91 -32.55 1.91 -4.98
N GLN D 92 -32.32 0.60 -4.89
CA GLN D 92 -31.06 0.07 -4.37
C GLN D 92 -29.88 0.34 -5.29
N ILE D 93 -30.06 0.22 -6.62
CA ILE D 93 -29.06 0.54 -7.64
C ILE D 93 -28.65 2.04 -7.49
N GLN D 94 -29.64 2.95 -7.36
CA GLN D 94 -29.42 4.39 -7.20
C GLN D 94 -28.70 4.72 -5.89
N GLU D 95 -29.03 3.99 -4.80
CA GLU D 95 -28.39 4.13 -3.48
C GLU D 95 -26.87 3.86 -3.61
N VAL D 96 -26.49 2.78 -4.32
CA VAL D 96 -25.09 2.37 -4.57
C VAL D 96 -24.38 3.44 -5.43
N ILE D 97 -25.10 4.04 -6.40
CA ILE D 97 -24.57 5.10 -7.28
C ILE D 97 -24.34 6.41 -6.50
N THR D 98 -25.34 6.89 -5.74
CA THR D 98 -25.24 8.17 -5.00
C THR D 98 -24.17 8.10 -3.90
N PHE D 99 -23.89 6.93 -3.34
CA PHE D 99 -22.80 6.78 -2.35
C PHE D 99 -21.44 7.18 -2.97
N ARG D 100 -21.18 6.74 -4.22
CA ARG D 100 -19.95 7.11 -4.95
C ARG D 100 -19.91 8.64 -5.24
N GLU D 101 -21.04 9.18 -5.71
CA GLU D 101 -21.23 10.60 -6.03
C GLU D 101 -21.00 11.53 -4.84
N LYS D 102 -21.40 11.11 -3.63
CA LYS D 102 -21.25 11.85 -2.35
C LYS D 102 -19.86 11.68 -1.69
N ASN D 103 -19.08 10.67 -2.12
CA ASN D 103 -17.78 10.33 -1.53
C ASN D 103 -16.67 10.39 -2.56
N ARG D 104 -16.64 11.49 -3.31
CA ARG D 104 -15.62 11.71 -4.35
C ARG D 104 -14.23 11.99 -3.78
N GLY D 105 -14.18 12.33 -2.49
CA GLY D 105 -12.93 12.60 -1.77
C GLY D 105 -12.37 11.36 -1.07
N SER D 106 -12.98 10.19 -1.31
CA SER D 106 -12.62 8.90 -0.74
C SER D 106 -11.19 8.47 -1.10
N LYS D 107 -10.51 7.78 -0.16
CA LYS D 107 -9.18 7.22 -0.41
C LYS D 107 -9.30 5.99 -1.33
N PHE D 108 -10.54 5.48 -1.49
CA PHE D 108 -10.87 4.34 -2.32
C PHE D 108 -11.85 4.70 -3.43
N PHE D 109 -11.64 5.86 -4.07
CA PHE D 109 -12.51 6.38 -5.14
C PHE D 109 -12.66 5.45 -6.33
N ASN D 110 -11.57 4.82 -6.79
CA ASN D 110 -11.58 3.88 -7.93
C ASN D 110 -12.36 2.60 -7.64
N HIS D 111 -12.43 2.18 -6.38
CA HIS D 111 -13.19 1.03 -5.89
C HIS D 111 -14.68 1.39 -5.96
N LEU D 112 -14.99 2.62 -5.51
CA LEU D 112 -16.33 3.20 -5.47
C LEU D 112 -16.83 3.39 -6.90
N SER D 113 -15.95 3.87 -7.81
CA SER D 113 -16.23 4.04 -9.23
C SER D 113 -16.42 2.72 -9.96
N ALA D 114 -15.65 1.67 -9.65
CA ALA D 114 -15.83 0.33 -10.24
C ALA D 114 -17.23 -0.20 -9.98
N VAL D 115 -17.73 -0.01 -8.74
CA VAL D 115 -19.05 -0.48 -8.33
C VAL D 115 -20.18 0.37 -8.92
N SER D 116 -20.20 1.69 -8.67
CA SER D 116 -21.26 2.59 -9.17
C SER D 116 -21.50 2.49 -10.68
N GLU D 117 -20.43 2.31 -11.45
CA GLU D 117 -20.39 2.26 -12.93
C GLU D 117 -20.66 0.88 -13.51
N SER D 118 -20.89 -0.10 -12.66
CA SER D 118 -21.23 -1.46 -13.09
C SER D 118 -22.52 -1.99 -12.43
N ILE D 119 -22.91 -1.49 -11.24
CA ILE D 119 -24.05 -1.94 -10.43
C ILE D 119 -25.41 -2.02 -11.20
N GLN D 120 -25.58 -1.16 -12.25
CA GLN D 120 -26.74 -1.16 -13.13
C GLN D 120 -26.94 -2.51 -13.84
N ALA D 121 -25.91 -3.41 -13.78
CA ALA D 121 -25.94 -4.79 -14.30
C ALA D 121 -27.11 -5.56 -13.68
N LEU D 122 -27.51 -5.22 -12.43
CA LEU D 122 -28.62 -5.81 -11.68
C LEU D 122 -29.95 -5.53 -12.37
N GLY D 123 -29.96 -4.49 -13.19
CA GLY D 123 -31.12 -4.10 -13.98
C GLY D 123 -31.36 -4.90 -15.26
N TRP D 124 -30.56 -5.99 -15.50
CA TRP D 124 -30.68 -6.88 -16.67
C TRP D 124 -32.11 -7.47 -16.77
N VAL D 125 -32.77 -7.66 -15.59
CA VAL D 125 -34.13 -8.20 -15.36
C VAL D 125 -35.25 -7.33 -16.01
N ALA D 126 -34.91 -6.09 -16.41
CA ALA D 126 -35.81 -5.15 -17.08
C ALA D 126 -35.73 -5.27 -18.61
N LEU D 127 -34.79 -6.08 -19.13
CA LEU D 127 -34.58 -6.28 -20.57
C LEU D 127 -35.34 -7.49 -21.13
N ALA D 128 -35.96 -7.32 -22.32
CA ALA D 128 -36.71 -8.40 -22.99
C ALA D 128 -35.92 -8.96 -24.16
N ALA D 129 -34.72 -8.41 -24.38
CA ALA D 129 -33.78 -8.79 -25.41
C ALA D 129 -32.38 -8.56 -24.85
N LYS D 130 -31.40 -9.33 -25.32
CA LYS D 130 -29.95 -9.25 -25.04
C LYS D 130 -29.52 -8.83 -23.60
N PRO D 131 -29.97 -9.53 -22.52
CA PRO D 131 -29.47 -9.19 -21.17
C PRO D 131 -27.96 -9.47 -20.94
N GLY D 132 -27.42 -10.50 -21.61
CA GLY D 132 -26.01 -10.91 -21.53
C GLY D 132 -25.06 -9.83 -22.00
N PRO D 133 -25.17 -9.36 -23.28
CA PRO D 133 -24.32 -8.24 -23.74
C PRO D 133 -24.41 -6.97 -22.86
N PHE D 134 -25.58 -6.74 -22.22
CA PHE D 134 -25.79 -5.61 -21.31
C PHE D 134 -24.84 -5.70 -20.08
N VAL D 135 -24.79 -6.87 -19.44
CA VAL D 135 -23.96 -7.18 -18.29
C VAL D 135 -22.47 -7.18 -18.65
N LYS D 136 -22.11 -7.62 -19.89
CA LYS D 136 -20.73 -7.60 -20.38
C LYS D 136 -20.23 -6.12 -20.47
N GLU D 137 -21.08 -5.23 -20.99
CA GLU D 137 -20.77 -3.80 -21.12
C GLU D 137 -20.58 -3.16 -19.73
N MET D 138 -21.40 -3.57 -18.72
CA MET D 138 -21.32 -3.09 -17.32
C MET D 138 -20.03 -3.54 -16.66
N ASN D 139 -19.65 -4.80 -16.87
CA ASN D 139 -18.42 -5.39 -16.39
C ASN D 139 -17.16 -4.79 -17.07
N ASP D 140 -17.28 -4.26 -18.30
CA ASP D 140 -16.20 -3.56 -19.02
C ASP D 140 -15.91 -2.23 -18.29
N ALA D 141 -16.99 -1.55 -17.81
CA ALA D 141 -16.91 -0.32 -17.03
C ALA D 141 -16.29 -0.60 -15.65
N ALA D 142 -16.63 -1.74 -15.01
CA ALA D 142 -16.02 -2.09 -13.73
C ALA D 142 -14.53 -2.31 -13.93
N MET D 143 -14.15 -3.02 -15.01
CA MET D 143 -12.76 -3.32 -15.33
C MET D 143 -11.88 -2.10 -15.54
N PHE D 144 -12.42 -1.03 -16.16
CA PHE D 144 -11.66 0.20 -16.36
C PHE D 144 -11.15 0.74 -15.01
N TYR D 145 -12.06 0.96 -14.04
CA TYR D 145 -11.72 1.43 -12.70
C TYR D 145 -10.89 0.43 -11.88
N THR D 146 -11.19 -0.89 -11.97
CA THR D 146 -10.42 -1.93 -11.28
C THR D 146 -8.97 -2.03 -11.79
N ASN D 147 -8.74 -1.71 -13.09
CA ASN D 147 -7.39 -1.69 -13.69
C ASN D 147 -6.49 -0.70 -12.96
N ARG D 148 -7.10 0.42 -12.52
CA ARG D 148 -6.47 1.50 -11.73
C ARG D 148 -6.10 0.99 -10.33
N VAL D 149 -6.99 0.21 -9.70
CA VAL D 149 -6.78 -0.41 -8.37
C VAL D 149 -5.60 -1.39 -8.45
N LEU D 150 -5.54 -2.19 -9.53
CA LEU D 150 -4.45 -3.14 -9.78
C LEU D 150 -3.13 -2.40 -9.95
N LYS D 151 -3.11 -1.31 -10.75
CA LYS D 151 -1.92 -0.49 -10.97
C LYS D 151 -1.34 0.05 -9.65
N GLU D 152 -2.23 0.52 -8.76
CA GLU D 152 -1.89 1.10 -7.47
C GLU D 152 -1.50 0.06 -6.38
N TYR D 153 -2.20 -1.09 -6.33
CA TYR D 153 -1.99 -2.09 -5.26
C TYR D 153 -1.39 -3.49 -5.62
N ARG D 154 -1.11 -3.83 -6.89
CA ARG D 154 -0.62 -5.17 -7.27
C ARG D 154 0.55 -5.68 -6.42
N ASP D 155 1.49 -4.80 -6.05
CA ASP D 155 2.66 -5.16 -5.25
C ASP D 155 2.75 -4.40 -3.90
N VAL D 156 1.60 -3.99 -3.35
CA VAL D 156 1.51 -3.25 -2.09
C VAL D 156 0.56 -3.98 -1.13
N ASP D 157 -0.63 -4.34 -1.62
CA ASP D 157 -1.69 -4.95 -0.83
C ASP D 157 -2.48 -5.94 -1.69
N LYS D 158 -2.21 -7.23 -1.54
CA LYS D 158 -2.83 -8.29 -2.34
C LYS D 158 -4.33 -8.44 -2.08
N LYS D 159 -4.83 -7.98 -0.91
CA LYS D 159 -6.25 -8.03 -0.57
C LYS D 159 -7.09 -7.17 -1.53
N HIS D 160 -6.47 -6.15 -2.16
CA HIS D 160 -7.12 -5.27 -3.14
C HIS D 160 -7.21 -5.94 -4.52
N VAL D 161 -6.20 -6.77 -4.85
CA VAL D 161 -6.06 -7.56 -6.09
C VAL D 161 -7.16 -8.63 -6.15
N ASP D 162 -7.44 -9.31 -5.00
CA ASP D 162 -8.47 -10.34 -4.83
C ASP D 162 -9.84 -9.72 -4.81
N TRP D 163 -9.94 -8.46 -4.31
CA TRP D 163 -11.17 -7.67 -4.28
C TRP D 163 -11.62 -7.42 -5.72
N VAL D 164 -10.67 -7.03 -6.59
CA VAL D 164 -10.88 -6.76 -8.03
C VAL D 164 -11.36 -8.04 -8.72
N ARG D 165 -10.61 -9.14 -8.57
CA ARG D 165 -10.94 -10.43 -9.15
C ARG D 165 -12.31 -10.93 -8.68
N ALA D 166 -12.57 -10.89 -7.36
CA ALA D 166 -13.84 -11.30 -6.76
C ALA D 166 -15.03 -10.49 -7.31
N TYR D 167 -14.92 -9.15 -7.38
CA TYR D 167 -15.98 -8.26 -7.89
C TYR D 167 -16.32 -8.51 -9.35
N LEU D 168 -15.30 -8.61 -10.22
CA LEU D 168 -15.46 -8.84 -11.66
C LEU D 168 -16.09 -10.22 -11.96
N SER D 169 -15.79 -11.24 -11.13
CA SER D 169 -16.34 -12.58 -11.35
C SER D 169 -17.84 -12.66 -10.96
N ILE D 170 -18.38 -11.67 -10.19
CA ILE D 170 -19.82 -11.60 -9.88
C ILE D 170 -20.55 -11.44 -11.23
N TRP D 171 -20.07 -10.51 -12.08
CA TRP D 171 -20.67 -10.21 -13.38
C TRP D 171 -20.32 -11.22 -14.43
N THR D 172 -19.21 -11.96 -14.30
CA THR D 172 -18.84 -13.04 -15.22
C THR D 172 -19.83 -14.22 -14.95
N GLU D 173 -20.04 -14.52 -13.66
CA GLU D 173 -20.96 -15.56 -13.19
C GLU D 173 -22.42 -15.17 -13.42
N LEU D 174 -22.75 -13.87 -13.38
CA LEU D 174 -24.10 -13.42 -13.73
C LEU D 174 -24.35 -13.66 -15.24
N GLN D 175 -23.31 -13.46 -16.08
CA GLN D 175 -23.39 -13.69 -17.53
C GLN D 175 -23.63 -15.18 -17.86
N ALA D 176 -22.96 -16.09 -17.15
CA ALA D 176 -23.11 -17.53 -17.28
C ALA D 176 -24.54 -17.99 -16.88
N TYR D 177 -25.10 -17.39 -15.81
CA TYR D 177 -26.47 -17.62 -15.32
C TYR D 177 -27.51 -17.20 -16.38
N ILE D 178 -27.39 -15.96 -16.89
CA ILE D 178 -28.26 -15.42 -17.94
C ILE D 178 -28.15 -16.34 -19.20
N LYS D 179 -26.91 -16.69 -19.62
CA LYS D 179 -26.67 -17.53 -20.79
C LYS D 179 -27.35 -18.91 -20.71
N GLU D 180 -27.27 -19.56 -19.54
CA GLU D 180 -27.84 -20.88 -19.34
C GLU D 180 -29.35 -20.90 -19.18
N PHE D 181 -29.92 -19.90 -18.47
CA PHE D 181 -31.35 -19.90 -18.14
C PHE D 181 -32.19 -18.78 -18.74
N HIS D 182 -31.66 -17.56 -18.88
CA HIS D 182 -32.46 -16.42 -19.36
C HIS D 182 -31.81 -15.66 -20.52
N THR D 183 -31.30 -16.40 -21.54
CA THR D 183 -30.54 -15.89 -22.70
C THR D 183 -31.21 -14.76 -23.49
N THR D 184 -32.51 -14.92 -23.79
CA THR D 184 -33.35 -13.99 -24.53
C THR D 184 -34.14 -13.09 -23.56
N GLY D 185 -33.63 -13.01 -22.33
CA GLY D 185 -34.24 -12.24 -21.25
C GLY D 185 -34.84 -13.09 -20.15
N LEU D 186 -35.06 -12.45 -19.00
CA LEU D 186 -35.68 -13.05 -17.81
C LEU D 186 -37.00 -13.74 -18.22
N ALA D 187 -37.03 -15.06 -18.01
CA ALA D 187 -38.13 -15.94 -18.31
C ALA D 187 -39.22 -15.76 -17.27
N TRP D 188 -40.24 -14.95 -17.58
CA TRP D 188 -41.38 -14.73 -16.71
C TRP D 188 -42.32 -15.92 -16.80
N SER D 189 -43.17 -16.14 -15.78
CA SER D 189 -44.12 -17.25 -15.80
C SER D 189 -45.33 -16.90 -16.63
#